data_4W84
#
_entry.id   4W84
#
_cell.length_a   97.241
_cell.length_b   97.241
_cell.length_c   95.678
_cell.angle_alpha   90.000
_cell.angle_beta   90.000
_cell.angle_gamma   120.000
#
_symmetry.space_group_name_H-M   'P 31'
#
loop_
_entity.id
_entity.type
_entity.pdbx_description
1 polymer 'Xyloglucan-specific endo-beta-1,4-glucanase'
2 non-polymer 'MAGNESIUM ION'
3 non-polymer 2-AMINO-2-HYDROXYMETHYL-PROPANE-1,3-DIOL
4 water water
#
_entity_poly.entity_id   1
_entity_poly.type   'polypeptide(L)'
_entity_poly.pdbx_seq_one_letter_code
;DRSRVFDILSNINIGWNLGNTLDATGGGNSVNAETSWGNPKTTQEIVDTVNDRGFNAIRIPVTFANHLGPAPEYTISADW
LARVKEVVDYAVNDG(MSE)YIILDTHHETNYWLKTDPNNEAALCEELAAIWKQLAEAFKDYDEKL(MSE)FEG(MSE)N
EPR(MSE)AGSAKEWSGGTPAERKLINA(MSE)NKAFIDAVRATGGNNADRVLIICTYGHNSDEPTLKDLEIPSDPNIAV
ALHTYTPYFFTYVADGSYSVWNGSKKNDITWQYNNIKKYLIDKGIPVVITETGAQFKENTEDIVRWIGDYVGTLDQDGVK
CFIWDNNIYHGNGEKFGLLNRSLLKWYNDDIVDAYVNHAA
;
_entity_poly.pdbx_strand_id   A,B
#
# COMPACT_ATOMS: atom_id res chain seq x y z
N ASP A 1 -10.80 -2.47 -2.12
CA ASP A 1 -10.97 -3.91 -2.02
C ASP A 1 -9.88 -4.54 -1.16
N ARG A 2 -10.29 -5.25 -0.11
CA ARG A 2 -9.35 -5.88 0.81
C ARG A 2 -9.41 -7.41 0.68
N SER A 3 -9.83 -7.89 -0.48
CA SER A 3 -10.12 -9.31 -0.68
C SER A 3 -8.88 -10.21 -0.59
N ARG A 4 -7.71 -9.67 -0.87
CA ARG A 4 -6.50 -10.46 -0.78
C ARG A 4 -6.28 -10.93 0.67
N VAL A 5 -6.57 -10.04 1.61
CA VAL A 5 -6.41 -10.40 3.02
C VAL A 5 -7.43 -11.49 3.40
N PHE A 6 -8.67 -11.34 2.95
CA PHE A 6 -9.68 -12.37 3.20
C PHE A 6 -9.27 -13.71 2.61
N ASP A 7 -8.68 -13.69 1.42
CA ASP A 7 -8.24 -14.92 0.76
C ASP A 7 -7.19 -15.65 1.58
N ILE A 8 -6.18 -14.90 2.03
CA ILE A 8 -5.12 -15.49 2.85
C ILE A 8 -5.70 -16.09 4.13
N LEU A 9 -6.51 -15.31 4.84
CA LEU A 9 -7.08 -15.77 6.11
C LEU A 9 -7.97 -17.01 5.93
N SER A 10 -8.62 -17.15 4.78
CA SER A 10 -9.57 -18.24 4.56
C SER A 10 -8.88 -19.61 4.57
N ASN A 11 -7.55 -19.61 4.42
CA ASN A 11 -6.78 -20.84 4.42
C ASN A 11 -6.52 -21.40 5.81
N ILE A 12 -6.82 -20.61 6.83
CA ILE A 12 -6.59 -21.02 8.22
C ILE A 12 -7.77 -21.85 8.72
N ASN A 13 -7.50 -23.00 9.31
CA ASN A 13 -8.55 -23.74 10.03
C ASN A 13 -8.81 -23.03 11.35
N ILE A 14 -7.86 -23.17 12.26
CA ILE A 14 -7.90 -22.43 13.52
C ILE A 14 -6.46 -22.29 14.00
N GLY A 15 -6.19 -21.27 14.83
CA GLY A 15 -4.82 -20.95 15.20
C GLY A 15 -4.48 -21.27 16.64
N TRP A 16 -3.18 -21.25 16.95
CA TRP A 16 -2.67 -21.61 18.27
C TRP A 16 -1.54 -20.66 18.68
N ASN A 17 -1.55 -20.19 19.93
CA ASN A 17 -0.50 -19.30 20.45
C ASN A 17 0.59 -20.06 21.20
N LEU A 18 1.85 -19.78 20.87
CA LEU A 18 2.99 -20.29 21.64
C LEU A 18 3.18 -19.42 22.88
N GLY A 19 2.26 -19.54 23.85
CA GLY A 19 2.20 -18.61 24.97
C GLY A 19 3.22 -18.83 26.08
N ASN A 20 3.55 -17.75 26.79
CA ASN A 20 4.45 -17.82 27.94
C ASN A 20 5.80 -18.37 27.54
N THR A 21 6.26 -17.98 26.36
CA THR A 21 7.47 -18.57 25.78
C THR A 21 8.41 -17.45 25.35
N LEU A 22 8.43 -17.08 24.07
CA LEU A 22 9.25 -15.93 23.68
C LEU A 22 8.68 -14.62 24.24
N ASP A 23 7.45 -14.65 24.75
CA ASP A 23 6.83 -13.48 25.38
C ASP A 23 7.23 -13.35 26.84
N ALA A 24 7.81 -14.41 27.39
CA ALA A 24 8.28 -14.40 28.78
C ALA A 24 9.36 -13.32 29.00
N THR A 25 9.37 -12.70 30.18
CA THR A 25 10.20 -11.53 30.41
C THR A 25 11.35 -11.72 31.40
N GLY A 26 11.55 -12.95 31.89
CA GLY A 26 12.69 -13.22 32.75
C GLY A 26 13.94 -13.41 31.89
N GLY A 27 15.08 -13.60 32.53
CA GLY A 27 16.32 -13.87 31.79
C GLY A 27 17.10 -12.69 31.27
N GLY A 28 16.57 -11.47 31.40
CA GLY A 28 17.27 -10.29 30.91
C GLY A 28 17.54 -10.36 29.42
N ASN A 29 18.69 -9.81 28.99
CA ASN A 29 19.08 -9.83 27.58
C ASN A 29 19.73 -11.15 27.22
N SER A 30 18.92 -12.21 27.21
CA SER A 30 19.42 -13.56 26.98
C SER A 30 18.37 -14.39 26.29
N VAL A 31 18.80 -15.37 25.49
CA VAL A 31 17.83 -16.27 24.87
C VAL A 31 17.12 -17.12 25.93
N ASN A 32 17.68 -17.14 27.14
CA ASN A 32 17.07 -17.88 28.24
C ASN A 32 15.74 -17.30 28.67
N ALA A 33 15.42 -16.11 28.17
CA ALA A 33 14.09 -15.55 28.44
C ALA A 33 13.02 -16.57 28.04
N GLU A 34 13.31 -17.33 26.99
CA GLU A 34 12.29 -18.24 26.45
C GLU A 34 11.78 -19.26 27.46
N THR A 35 12.66 -19.71 28.35
CA THR A 35 12.31 -20.74 29.33
C THR A 35 12.06 -20.15 30.72
N SER A 36 12.10 -18.83 30.81
CA SER A 36 12.07 -18.15 32.10
C SER A 36 10.74 -18.26 32.85
N TRP A 37 9.67 -18.60 32.13
CA TRP A 37 8.37 -18.80 32.79
C TRP A 37 8.01 -20.27 32.89
N GLY A 38 9.03 -21.13 32.73
CA GLY A 38 8.87 -22.54 33.01
C GLY A 38 8.52 -23.43 31.84
N ASN A 39 8.47 -22.86 30.63
CA ASN A 39 8.21 -23.69 29.46
C ASN A 39 9.50 -24.22 28.85
N PRO A 40 9.43 -25.41 28.22
CA PRO A 40 10.65 -25.95 27.62
C PRO A 40 11.03 -25.17 26.38
N LYS A 41 12.29 -25.22 25.98
CA LYS A 41 12.71 -24.55 24.77
C LYS A 41 11.89 -25.10 23.60
N THR A 42 11.40 -24.22 22.73
CA THR A 42 10.55 -24.65 21.61
C THR A 42 11.36 -25.49 20.62
N THR A 43 10.73 -26.51 20.05
CA THR A 43 11.41 -27.37 19.09
C THR A 43 10.59 -27.50 17.83
N GLN A 44 11.23 -27.96 16.76
CA GLN A 44 10.49 -28.27 15.54
C GLN A 44 9.35 -29.23 15.82
N GLU A 45 9.59 -30.24 16.65
CA GLU A 45 8.55 -31.25 16.97
C GLU A 45 7.34 -30.65 17.68
N ILE A 46 7.58 -29.69 18.56
CA ILE A 46 6.45 -29.05 19.24
C ILE A 46 5.57 -28.38 18.20
N VAL A 47 6.19 -27.59 17.32
CA VAL A 47 5.43 -26.90 16.29
C VAL A 47 4.73 -27.90 15.35
N ASP A 48 5.44 -28.95 14.96
CA ASP A 48 4.83 -30.01 14.12
C ASP A 48 3.56 -30.56 14.75
N THR A 49 3.61 -30.75 16.06
CA THR A 49 2.49 -31.38 16.76
C THR A 49 1.25 -30.52 16.70
N VAL A 50 1.44 -29.21 16.89
CA VAL A 50 0.35 -28.25 16.75
C VAL A 50 -0.26 -28.33 15.36
N ASN A 51 0.58 -28.24 14.34
CA ASN A 51 0.11 -28.31 12.96
C ASN A 51 -0.65 -29.62 12.69
N ASP A 52 -0.04 -30.74 13.09
CA ASP A 52 -0.60 -32.06 12.78
C ASP A 52 -1.98 -32.27 13.38
N ARG A 53 -2.24 -31.60 14.50
CA ARG A 53 -3.52 -31.76 15.18
C ARG A 53 -4.61 -30.98 14.45
N GLY A 54 -4.21 -30.03 13.62
CA GLY A 54 -5.18 -29.25 12.86
C GLY A 54 -5.13 -27.74 13.08
N PHE A 55 -4.23 -27.29 13.94
CA PHE A 55 -3.96 -25.86 14.08
C PHE A 55 -2.91 -25.49 13.04
N ASN A 56 -3.34 -25.10 11.84
CA ASN A 56 -2.38 -24.81 10.77
C ASN A 56 -1.91 -23.35 10.78
N ALA A 57 -2.30 -22.62 11.82
CA ALA A 57 -1.81 -21.26 12.01
C ALA A 57 -1.25 -21.16 13.41
N ILE A 58 -0.15 -20.43 13.56
CA ILE A 58 0.47 -20.27 14.87
C ILE A 58 0.79 -18.80 15.10
N ARG A 59 0.44 -18.31 16.29
CA ARG A 59 0.85 -16.98 16.70
C ARG A 59 2.03 -17.12 17.64
N ILE A 60 3.09 -16.36 17.36
CA ILE A 60 4.33 -16.44 18.12
C ILE A 60 4.50 -15.13 18.85
N PRO A 61 4.02 -15.08 20.09
CA PRO A 61 4.16 -13.84 20.85
C PRO A 61 5.61 -13.64 21.27
N VAL A 62 6.13 -12.43 21.10
CA VAL A 62 7.52 -12.16 21.47
C VAL A 62 7.61 -10.85 22.23
N THR A 63 8.26 -10.86 23.39
CA THR A 63 8.54 -9.62 24.09
C THR A 63 9.98 -9.24 23.82
N PHE A 64 10.17 -8.05 23.24
CA PHE A 64 11.49 -7.60 22.81
C PHE A 64 12.24 -6.75 23.83
N ALA A 65 11.48 -6.03 24.65
CA ALA A 65 12.01 -4.96 25.52
C ALA A 65 13.41 -5.23 26.09
N ASN A 66 13.55 -6.31 26.85
CA ASN A 66 14.83 -6.60 27.51
C ASN A 66 15.96 -6.97 26.54
N HIS A 67 15.62 -7.23 25.28
CA HIS A 67 16.64 -7.61 24.30
C HIS A 67 17.01 -6.43 23.41
N LEU A 68 16.51 -5.25 23.75
CA LEU A 68 16.75 -4.05 22.93
C LEU A 68 17.90 -3.22 23.47
N GLY A 69 18.67 -2.64 22.55
CA GLY A 69 19.68 -1.66 22.92
C GLY A 69 19.04 -0.34 23.26
N PRO A 70 19.86 0.66 23.60
CA PRO A 70 19.32 1.96 24.00
C PRO A 70 18.66 2.70 22.84
N ALA A 71 17.71 3.56 23.17
CA ALA A 71 17.15 4.48 22.19
C ALA A 71 18.32 5.28 21.63
N PRO A 72 18.21 5.79 20.39
CA PRO A 72 17.04 5.68 19.50
C PRO A 72 17.07 4.48 18.54
N GLU A 73 18.16 3.72 18.51
CA GLU A 73 18.23 2.59 17.57
C GLU A 73 17.42 1.39 18.05
N TYR A 74 17.36 1.20 19.36
CA TYR A 74 16.67 0.05 19.94
C TYR A 74 17.08 -1.25 19.23
N THR A 75 18.38 -1.41 19.02
CA THR A 75 18.87 -2.59 18.29
C THR A 75 18.50 -3.90 19.01
N ILE A 76 17.86 -4.80 18.29
CA ILE A 76 17.52 -6.10 18.85
C ILE A 76 18.80 -6.93 18.96
N SER A 77 19.08 -7.43 20.16
CA SER A 77 20.25 -8.29 20.35
C SER A 77 20.27 -9.35 19.26
N ALA A 78 21.43 -9.56 18.63
CA ALA A 78 21.52 -10.50 17.50
C ALA A 78 21.09 -11.92 17.87
N ASP A 79 21.46 -12.36 19.08
CA ASP A 79 21.11 -13.71 19.54
C ASP A 79 19.60 -13.89 19.66
N TRP A 80 18.92 -12.85 20.14
CA TRP A 80 17.48 -12.91 20.29
C TRP A 80 16.78 -12.90 18.93
N LEU A 81 17.20 -12.00 18.05
CA LEU A 81 16.64 -11.99 16.69
C LEU A 81 16.81 -13.35 16.00
N ALA A 82 18.00 -13.94 16.12
CA ALA A 82 18.23 -15.25 15.50
C ALA A 82 17.31 -16.32 16.09
N ARG A 83 17.09 -16.28 17.40
CA ARG A 83 16.26 -17.29 18.05
C ARG A 83 14.80 -17.10 17.64
N VAL A 84 14.33 -15.86 17.60
CA VAL A 84 12.99 -15.58 17.13
C VAL A 84 12.84 -16.12 15.70
N LYS A 85 13.85 -15.89 14.87
CA LYS A 85 13.77 -16.39 13.49
C LYS A 85 13.76 -17.92 13.43
N GLU A 86 14.51 -18.57 14.31
CA GLU A 86 14.50 -20.04 14.39
C GLU A 86 13.10 -20.55 14.65
N VAL A 87 12.39 -19.90 15.58
CA VAL A 87 11.06 -20.37 15.95
C VAL A 87 10.03 -20.10 14.84
N VAL A 88 10.11 -18.94 14.22
CA VAL A 88 9.25 -18.65 13.06
C VAL A 88 9.54 -19.71 11.99
N ASP A 89 10.81 -20.06 11.81
CA ASP A 89 11.18 -21.03 10.77
C ASP A 89 10.62 -22.44 11.02
N TYR A 90 10.46 -22.83 12.28
CA TYR A 90 9.79 -24.11 12.56
C TYR A 90 8.44 -24.13 11.85
N ALA A 91 7.71 -23.01 11.94
CA ALA A 91 6.39 -22.94 11.33
C ALA A 91 6.48 -22.85 9.79
N VAL A 92 7.45 -22.09 9.30
CA VAL A 92 7.62 -21.96 7.85
C VAL A 92 7.98 -23.32 7.27
N ASN A 93 8.81 -24.07 7.98
CA ASN A 93 9.16 -25.42 7.55
C ASN A 93 7.95 -26.30 7.32
N ASP A 94 6.86 -25.99 8.00
CA ASP A 94 5.66 -26.80 7.94
C ASP A 94 4.55 -26.17 7.10
N GLY A 95 4.87 -25.06 6.44
CA GLY A 95 3.92 -24.40 5.57
C GLY A 95 2.74 -23.77 6.31
N TYR A 97 0.47 -20.88 8.52
CA TYR A 97 0.20 -19.45 8.61
C TYR A 97 0.72 -18.99 9.94
N ILE A 98 1.30 -17.79 9.96
CA ILE A 98 2.04 -17.34 11.15
C ILE A 98 1.72 -15.90 11.49
N ILE A 99 1.56 -15.63 12.79
CA ILE A 99 1.54 -14.25 13.26
C ILE A 99 2.73 -14.03 14.18
N LEU A 100 3.56 -13.05 13.85
CA LEU A 100 4.61 -12.59 14.76
C LEU A 100 4.18 -11.24 15.34
N ASP A 101 4.19 -11.12 16.67
CA ASP A 101 3.80 -9.85 17.29
C ASP A 101 4.94 -9.24 18.10
N THR A 102 4.69 -8.07 18.69
CA THR A 102 5.43 -7.66 19.88
C THR A 102 4.44 -7.85 21.01
N HIS A 103 4.93 -8.14 22.22
CA HIS A 103 4.01 -8.66 23.23
C HIS A 103 4.02 -7.85 24.51
N HIS A 104 4.71 -8.30 25.56
CA HIS A 104 4.64 -7.57 26.84
C HIS A 104 5.52 -6.33 26.87
N GLU A 105 5.65 -5.65 25.73
CA GLU A 105 6.30 -4.35 25.68
C GLU A 105 5.59 -3.41 26.66
N THR A 106 4.34 -3.75 26.94
CA THR A 106 3.46 -3.00 27.83
C THR A 106 3.95 -2.99 29.30
N ASN A 107 4.86 -3.91 29.64
CA ASN A 107 5.47 -3.93 30.97
C ASN A 107 6.61 -2.94 31.07
N TYR A 108 7.05 -2.45 29.92
CA TYR A 108 8.30 -1.72 29.81
C TYR A 108 8.10 -0.33 29.26
N TRP A 109 8.23 -0.18 27.94
CA TRP A 109 8.18 1.13 27.30
C TRP A 109 6.82 1.47 26.72
N LEU A 110 6.02 0.44 26.43
CA LEU A 110 4.75 0.68 25.73
C LEU A 110 3.67 1.00 26.75
N LYS A 111 3.74 2.23 27.28
CA LYS A 111 2.74 2.76 28.20
C LYS A 111 2.03 3.86 27.45
N THR A 112 0.73 3.70 27.25
CA THR A 112 -0.04 4.59 26.37
C THR A 112 -0.34 5.96 27.01
N ASP A 113 0.71 6.74 27.24
CA ASP A 113 0.55 8.13 27.65
C ASP A 113 0.52 9.03 26.41
N PRO A 114 -0.63 9.65 26.13
CA PRO A 114 -0.77 10.44 24.90
C PRO A 114 0.27 11.55 24.79
N ASN A 115 0.80 12.03 25.90
CA ASN A 115 1.83 13.08 25.87
C ASN A 115 3.20 12.57 25.44
N ASN A 116 3.33 11.25 25.36
CA ASN A 116 4.59 10.65 24.94
C ASN A 116 4.51 10.04 23.54
N GLU A 117 3.59 10.53 22.72
CA GLU A 117 3.32 9.93 21.41
C GLU A 117 4.58 9.72 20.56
N ALA A 118 5.43 10.74 20.47
CA ALA A 118 6.56 10.67 19.56
C ALA A 118 7.50 9.52 19.93
N ALA A 119 7.91 9.46 21.20
CA ALA A 119 8.83 8.44 21.65
C ALA A 119 8.24 7.03 21.47
N LEU A 120 6.93 6.92 21.71
CA LEU A 120 6.23 5.63 21.55
C LEU A 120 6.22 5.18 20.09
N CYS A 121 5.80 6.06 19.20
CA CYS A 121 5.76 5.75 17.78
C CYS A 121 7.15 5.39 17.27
N GLU A 122 8.14 6.14 17.70
CA GLU A 122 9.51 5.95 17.23
C GLU A 122 10.12 4.63 17.67
N GLU A 123 9.90 4.26 18.93
CA GLU A 123 10.39 2.96 19.39
C GLU A 123 9.69 1.81 18.67
N LEU A 124 8.36 1.88 18.55
CA LEU A 124 7.62 0.85 17.82
C LEU A 124 8.10 0.72 16.38
N ALA A 125 8.28 1.86 15.72
CA ALA A 125 8.80 1.84 14.35
C ALA A 125 10.23 1.28 14.27
N ALA A 126 11.07 1.63 15.24
CA ALA A 126 12.46 1.18 15.19
C ALA A 126 12.57 -0.34 15.34
N ILE A 127 11.72 -0.89 16.20
CA ILE A 127 11.67 -2.34 16.39
C ILE A 127 11.13 -2.98 15.13
N TRP A 128 10.01 -2.49 14.61
CA TRP A 128 9.40 -3.14 13.44
C TRP A 128 10.23 -3.02 12.18
N LYS A 129 10.99 -1.93 12.05
CA LYS A 129 11.91 -1.81 10.92
C LYS A 129 12.90 -2.97 10.93
N GLN A 130 13.43 -3.30 12.10
CA GLN A 130 14.38 -4.40 12.21
C GLN A 130 13.76 -5.76 11.95
N LEU A 131 12.54 -5.96 12.48
CA LEU A 131 11.86 -7.24 12.25
C LEU A 131 11.49 -7.39 10.78
N ALA A 132 10.97 -6.33 10.17
CA ALA A 132 10.58 -6.39 8.77
C ALA A 132 11.79 -6.70 7.88
N GLU A 133 12.93 -6.09 8.17
CA GLU A 133 14.16 -6.39 7.43
C GLU A 133 14.55 -7.86 7.57
N ALA A 134 14.49 -8.39 8.79
CA ALA A 134 14.90 -9.78 9.02
C ALA A 134 14.02 -10.75 8.26
N PHE A 135 12.73 -10.42 8.13
CA PHE A 135 11.75 -11.34 7.56
C PHE A 135 11.26 -10.87 6.20
N LYS A 136 12.02 -9.95 5.59
CA LYS A 136 11.62 -9.35 4.32
C LYS A 136 11.33 -10.36 3.20
N ASP A 137 12.08 -11.46 3.18
CA ASP A 137 11.95 -12.46 2.10
C ASP A 137 10.93 -13.56 2.39
N TYR A 138 10.24 -13.47 3.52
CA TYR A 138 9.23 -14.47 3.87
C TYR A 138 7.93 -14.28 3.09
N ASP A 139 7.25 -15.38 2.80
CA ASP A 139 6.06 -15.31 1.93
C ASP A 139 4.81 -14.83 2.66
N GLU A 140 3.68 -14.84 1.96
CA GLU A 140 2.48 -14.19 2.45
C GLU A 140 1.81 -14.91 3.63
N LYS A 141 2.31 -16.09 3.99
CA LYS A 141 1.75 -16.84 5.13
C LYS A 141 2.21 -16.25 6.46
N LEU A 142 3.29 -15.48 6.45
CA LEU A 142 3.77 -14.79 7.66
C LEU A 142 3.17 -13.39 7.73
N PHE A 144 2.38 -9.87 10.35
CA PHE A 144 2.92 -9.15 11.51
C PHE A 144 1.75 -8.55 12.27
N GLU A 145 1.79 -8.65 13.60
CA GLU A 145 0.80 -7.99 14.44
C GLU A 145 1.57 -6.98 15.30
N GLY A 146 1.31 -5.69 15.08
CA GLY A 146 2.15 -4.64 15.63
C GLY A 146 2.32 -4.63 17.13
N ASN A 148 0.47 -5.88 21.22
CA ASN A 148 -0.41 -6.77 21.97
C ASN A 148 -1.03 -6.04 23.15
N GLU A 149 -2.35 -5.91 23.15
CA GLU A 149 -3.06 -5.25 24.27
C GLU A 149 -2.38 -3.97 24.76
N PRO A 150 -2.07 -3.07 23.82
CA PRO A 150 -1.42 -1.79 24.18
C PRO A 150 -2.34 -0.98 25.07
N ARG A 151 -1.84 -0.55 26.21
CA ARG A 151 -2.65 0.08 27.24
C ARG A 151 -1.77 0.77 28.26
N ALA A 153 -1.05 0.08 31.98
CA ALA A 153 -1.32 -0.85 33.08
C ALA A 153 -1.56 -0.11 34.40
N GLY A 154 -2.63 -0.48 35.09
CA GLY A 154 -2.97 0.15 36.35
C GLY A 154 -4.01 1.26 36.22
N SER A 155 -4.26 1.70 34.99
CA SER A 155 -5.23 2.77 34.75
C SER A 155 -6.67 2.26 34.97
N ALA A 156 -7.57 3.19 35.28
CA ALA A 156 -8.97 2.81 35.54
C ALA A 156 -9.57 2.02 34.38
N LYS A 157 -9.32 2.49 33.16
CA LYS A 157 -9.92 1.87 31.99
C LYS A 157 -8.94 0.98 31.21
N GLU A 158 -7.92 0.48 31.90
CA GLU A 158 -6.94 -0.42 31.30
C GLU A 158 -7.61 -1.54 30.49
N TRP A 159 -8.64 -2.16 31.06
CA TRP A 159 -9.28 -3.28 30.41
C TRP A 159 -10.67 -2.98 29.85
N SER A 160 -10.98 -1.70 29.69
CA SER A 160 -12.27 -1.31 29.10
C SER A 160 -12.09 -0.39 27.90
N GLY A 161 -10.96 -0.51 27.20
CA GLY A 161 -10.73 0.27 25.99
C GLY A 161 -10.10 1.62 26.21
N GLY A 162 -9.65 1.88 27.44
CA GLY A 162 -8.95 3.12 27.74
C GLY A 162 -9.78 4.38 27.59
N THR A 163 -9.10 5.50 27.41
CA THR A 163 -9.72 6.80 27.21
C THR A 163 -9.66 7.23 25.76
N PRO A 164 -10.46 8.25 25.38
CA PRO A 164 -10.49 8.76 24.00
C PRO A 164 -9.11 9.23 23.55
N ALA A 165 -8.36 9.87 24.45
CA ALA A 165 -7.02 10.35 24.11
C ALA A 165 -6.08 9.18 23.83
N GLU A 166 -6.19 8.14 24.65
CA GLU A 166 -5.38 6.93 24.45
C GLU A 166 -5.73 6.26 23.13
N ARG A 167 -7.01 6.25 22.79
CA ARG A 167 -7.43 5.62 21.54
C ARG A 167 -6.92 6.35 20.31
N LYS A 168 -6.81 7.68 20.36
CA LYS A 168 -6.19 8.41 19.27
C LYS A 168 -4.71 8.03 19.17
N LEU A 169 -4.06 7.86 20.32
CA LEU A 169 -2.66 7.44 20.37
C LEU A 169 -2.48 6.07 19.73
N ILE A 170 -3.40 5.16 20.01
CA ILE A 170 -3.34 3.83 19.41
C ILE A 170 -3.41 3.95 17.87
N ASN A 171 -4.31 4.79 17.37
CA ASN A 171 -4.39 5.02 15.94
C ASN A 171 -3.06 5.50 15.35
N ALA A 172 -2.43 6.44 16.04
CA ALA A 172 -1.12 6.92 15.61
C ALA A 172 -0.07 5.80 15.63
N ASN A 174 -0.63 2.49 15.39
CA ASN A 174 -0.93 1.58 14.29
C ASN A 174 -0.34 2.10 12.96
N LYS A 175 -0.46 3.41 12.73
CA LYS A 175 0.10 3.97 11.49
C LYS A 175 1.61 3.88 11.45
N ALA A 176 2.26 4.16 12.58
CA ALA A 176 3.71 4.11 12.66
C ALA A 176 4.20 2.70 12.35
N PHE A 177 3.49 1.71 12.90
CA PHE A 177 3.78 0.30 12.64
C PHE A 177 3.68 -0.01 11.14
N ILE A 178 2.53 0.28 10.56
CA ILE A 178 2.34 0.02 9.13
C ILE A 178 3.40 0.77 8.31
N ASP A 179 3.60 2.04 8.62
CA ASP A 179 4.56 2.87 7.88
C ASP A 179 5.96 2.27 7.90
N ALA A 180 6.43 1.86 9.08
CA ALA A 180 7.77 1.32 9.24
C ALA A 180 7.96 0.03 8.46
N VAL A 181 6.95 -0.83 8.47
CA VAL A 181 7.06 -2.10 7.75
C VAL A 181 7.03 -1.89 6.24
N ARG A 182 6.07 -1.11 5.77
CA ARG A 182 5.99 -0.88 4.31
C ARG A 182 7.27 -0.24 3.76
N ALA A 183 7.93 0.58 4.58
CA ALA A 183 9.14 1.28 4.16
C ALA A 183 10.32 0.36 3.90
N THR A 184 10.25 -0.88 4.38
CA THR A 184 11.34 -1.84 4.17
C THR A 184 11.20 -2.57 2.84
N GLY A 185 10.03 -2.46 2.22
CA GLY A 185 9.83 -3.02 0.89
C GLY A 185 9.92 -4.54 0.83
N GLY A 186 10.32 -5.08 -0.33
CA GLY A 186 10.31 -6.52 -0.54
C GLY A 186 8.92 -7.11 -0.33
N ASN A 187 8.83 -8.32 0.22
CA ASN A 187 7.52 -8.91 0.50
C ASN A 187 6.75 -8.12 1.55
N ASN A 188 7.44 -7.24 2.27
CA ASN A 188 6.77 -6.42 3.28
C ASN A 188 5.84 -5.37 2.68
N ALA A 189 5.91 -5.20 1.36
CA ALA A 189 5.10 -4.19 0.68
C ALA A 189 3.63 -4.54 0.75
N ASP A 190 3.32 -5.84 0.71
CA ASP A 190 1.92 -6.28 0.77
C ASP A 190 1.64 -7.38 1.80
N ARG A 191 2.57 -7.61 2.71
CA ARG A 191 2.35 -8.55 3.82
C ARG A 191 1.13 -8.13 4.62
N VAL A 192 0.35 -9.09 5.12
CA VAL A 192 -0.78 -8.74 5.97
C VAL A 192 -0.26 -8.16 7.29
N LEU A 193 -0.71 -6.94 7.61
CA LEU A 193 -0.31 -6.28 8.84
C LEU A 193 -1.54 -6.15 9.74
N ILE A 194 -1.42 -6.60 10.98
CA ILE A 194 -2.56 -6.72 11.87
C ILE A 194 -2.47 -5.64 12.94
N ILE A 195 -3.36 -4.65 12.84
CA ILE A 195 -3.41 -3.58 13.81
C ILE A 195 -4.36 -3.97 14.93
N CYS A 196 -4.51 -3.13 15.93
CA CYS A 196 -5.37 -3.49 17.05
C CYS A 196 -6.07 -2.29 17.66
N THR A 197 -7.07 -2.57 18.47
CA THR A 197 -7.67 -1.56 19.34
C THR A 197 -6.90 -1.43 20.64
N TYR A 198 -7.23 -0.42 21.43
CA TYR A 198 -6.68 -0.28 22.76
C TYR A 198 -6.97 -1.55 23.56
N GLY A 199 -5.92 -2.11 24.16
CA GLY A 199 -6.02 -3.36 24.89
C GLY A 199 -6.59 -4.54 24.12
N HIS A 200 -6.61 -4.47 22.79
CA HIS A 200 -7.34 -5.46 21.98
C HIS A 200 -8.82 -5.58 22.40
N ASN A 201 -9.34 -4.50 22.98
CA ASN A 201 -10.73 -4.48 23.48
C ASN A 201 -11.75 -4.30 22.35
N SER A 202 -12.93 -4.91 22.51
CA SER A 202 -13.93 -4.88 21.44
C SER A 202 -15.25 -4.23 21.85
N ASP A 203 -15.21 -3.42 22.91
CA ASP A 203 -16.39 -2.66 23.32
C ASP A 203 -16.71 -1.61 22.26
N GLU A 204 -17.98 -1.24 22.15
CA GLU A 204 -18.45 -0.36 21.08
C GLU A 204 -17.67 0.97 20.96
N PRO A 205 -17.43 1.65 22.09
CA PRO A 205 -16.70 2.92 22.01
C PRO A 205 -15.27 2.72 21.52
N THR A 206 -14.70 1.55 21.84
CA THR A 206 -13.35 1.24 21.40
C THR A 206 -13.33 1.04 19.88
N LEU A 207 -14.30 0.30 19.36
CA LEU A 207 -14.38 0.04 17.93
C LEU A 207 -14.71 1.33 17.19
N LYS A 208 -15.57 2.14 17.80
CA LYS A 208 -16.04 3.37 17.18
C LYS A 208 -14.89 4.37 16.93
N ASP A 209 -13.89 4.36 17.83
CA ASP A 209 -12.76 5.29 17.69
C ASP A 209 -11.58 4.72 16.89
N LEU A 210 -11.72 3.50 16.38
CA LEU A 210 -10.62 2.87 15.64
C LEU A 210 -10.49 3.41 14.21
N GLU A 211 -9.34 4.01 13.90
CA GLU A 211 -9.06 4.45 12.54
C GLU A 211 -8.76 3.25 11.65
N ILE A 212 -9.35 3.22 10.47
CA ILE A 212 -9.07 2.16 9.51
C ILE A 212 -8.12 2.66 8.42
N PRO A 213 -6.91 2.09 8.36
CA PRO A 213 -5.93 2.52 7.35
C PRO A 213 -6.47 2.33 5.94
N SER A 214 -6.02 3.16 5.01
CA SER A 214 -6.39 2.97 3.61
C SER A 214 -5.58 1.83 3.01
N ASP A 215 -4.47 1.49 3.65
CA ASP A 215 -3.68 0.32 3.25
C ASP A 215 -4.60 -0.89 3.14
N PRO A 216 -4.64 -1.54 1.97
CA PRO A 216 -5.62 -2.60 1.71
C PRO A 216 -5.16 -3.96 2.22
N ASN A 217 -3.95 -4.02 2.74
CA ASN A 217 -3.40 -5.29 3.21
C ASN A 217 -3.25 -5.31 4.72
N ILE A 218 -4.32 -4.95 5.42
CA ILE A 218 -4.33 -4.97 6.87
C ILE A 218 -5.51 -5.79 7.40
N ALA A 219 -5.45 -6.12 8.69
CA ALA A 219 -6.56 -6.77 9.38
C ALA A 219 -6.58 -6.17 10.76
N VAL A 220 -7.73 -6.21 11.42
CA VAL A 220 -7.84 -5.71 12.78
C VAL A 220 -7.93 -6.87 13.74
N ALA A 221 -7.08 -6.87 14.76
CA ALA A 221 -7.08 -7.95 15.75
C ALA A 221 -7.83 -7.53 17.01
N LEU A 222 -8.56 -8.48 17.59
CA LEU A 222 -9.25 -8.27 18.85
C LEU A 222 -8.99 -9.48 19.74
N HIS A 223 -9.11 -9.32 21.05
CA HIS A 223 -9.08 -10.47 21.95
C HIS A 223 -10.44 -10.60 22.60
N THR A 224 -11.09 -11.73 22.40
CA THR A 224 -12.43 -11.93 22.94
C THR A 224 -12.56 -13.25 23.69
N TYR A 225 -12.10 -13.24 24.93
CA TYR A 225 -12.28 -14.37 25.82
C TYR A 225 -13.68 -14.23 26.44
N THR A 226 -14.71 -14.40 25.62
CA THR A 226 -16.07 -14.02 25.99
C THR A 226 -16.93 -15.27 26.25
N PRO A 227 -17.65 -15.30 27.39
CA PRO A 227 -17.70 -14.33 28.48
C PRO A 227 -16.53 -14.43 29.44
N TYR A 228 -16.04 -13.29 29.90
CA TYR A 228 -14.91 -13.25 30.83
C TYR A 228 -15.12 -14.14 32.05
N PHE A 229 -16.34 -14.20 32.54
CA PHE A 229 -16.59 -14.95 33.78
C PHE A 229 -16.67 -16.45 33.59
N PHE A 230 -16.80 -16.88 32.33
CA PHE A 230 -16.67 -18.29 32.02
C PHE A 230 -15.21 -18.67 31.77
N THR A 231 -14.50 -17.82 31.03
CA THR A 231 -13.15 -18.16 30.56
C THR A 231 -12.07 -17.93 31.59
N TYR A 232 -12.29 -16.96 32.47
CA TYR A 232 -11.31 -16.65 33.52
C TYR A 232 -11.82 -17.06 34.91
N VAL A 233 -10.90 -17.15 35.86
CA VAL A 233 -11.24 -17.37 37.25
C VAL A 233 -11.21 -16.02 37.98
N ALA A 234 -12.35 -15.67 38.59
CA ALA A 234 -12.51 -14.40 39.29
C ALA A 234 -13.71 -14.51 40.21
N ASP A 235 -13.82 -13.61 41.19
CA ASP A 235 -15.03 -13.60 41.99
C ASP A 235 -16.21 -13.28 41.07
N GLY A 236 -17.17 -14.19 40.99
CA GLY A 236 -18.27 -14.07 40.05
C GLY A 236 -18.17 -15.03 38.88
N SER A 237 -17.04 -15.73 38.77
CA SER A 237 -16.83 -16.64 37.65
C SER A 237 -17.65 -17.94 37.77
N TYR A 238 -17.87 -18.63 36.66
CA TYR A 238 -18.61 -19.88 36.66
C TYR A 238 -17.98 -20.87 35.69
N SER A 239 -18.22 -22.17 35.91
CA SER A 239 -17.62 -23.18 35.03
C SER A 239 -18.67 -23.88 34.18
N VAL A 240 -19.93 -23.50 34.36
CA VAL A 240 -21.02 -24.17 33.65
C VAL A 240 -21.38 -23.43 32.36
N TRP A 241 -21.51 -24.16 31.27
CA TRP A 241 -21.98 -23.57 30.02
C TRP A 241 -23.22 -24.28 29.50
N ASN A 242 -24.36 -23.63 29.58
CA ASN A 242 -25.61 -24.23 29.09
C ASN A 242 -26.27 -23.41 27.98
N GLY A 243 -25.63 -22.32 27.57
CA GLY A 243 -26.14 -21.51 26.47
C GLY A 243 -26.78 -20.21 26.93
N SER A 244 -27.14 -20.13 28.20
CA SER A 244 -27.84 -18.97 28.74
C SER A 244 -27.03 -17.68 28.56
N LYS A 245 -25.71 -17.80 28.52
CA LYS A 245 -24.83 -16.64 28.39
C LYS A 245 -24.36 -16.42 26.95
N LYS A 246 -24.86 -17.21 26.00
CA LYS A 246 -24.44 -17.05 24.61
C LYS A 246 -24.63 -15.62 24.13
N ASN A 247 -25.68 -14.98 24.65
CA ASN A 247 -25.98 -13.59 24.35
C ASN A 247 -24.79 -12.63 24.54
N ASP A 248 -23.96 -12.89 25.54
CA ASP A 248 -22.77 -12.07 25.78
C ASP A 248 -21.84 -12.14 24.57
N ILE A 249 -21.77 -13.32 23.96
CA ILE A 249 -20.96 -13.53 22.78
C ILE A 249 -21.58 -12.84 21.57
N THR A 250 -22.88 -13.09 21.38
CA THR A 250 -23.64 -12.55 20.26
C THR A 250 -23.64 -11.02 20.23
N TRP A 251 -23.89 -10.42 21.39
CA TRP A 251 -23.94 -8.97 21.51
C TRP A 251 -22.63 -8.34 21.05
N GLN A 252 -21.54 -8.85 21.61
CA GLN A 252 -20.19 -8.35 21.30
C GLN A 252 -19.86 -8.57 19.83
N TYR A 253 -20.19 -9.75 19.31
CA TYR A 253 -19.92 -10.07 17.90
C TYR A 253 -20.69 -9.14 16.98
N ASN A 254 -21.90 -8.76 17.38
CA ASN A 254 -22.69 -7.83 16.59
C ASN A 254 -22.03 -6.47 16.44
N ASN A 255 -21.33 -6.03 17.49
CA ASN A 255 -20.60 -4.77 17.40
C ASN A 255 -19.40 -4.90 16.48
N ILE A 256 -18.79 -6.08 16.46
CA ILE A 256 -17.69 -6.36 15.55
C ILE A 256 -18.17 -6.39 14.10
N LYS A 257 -19.35 -6.96 13.87
CA LYS A 257 -19.92 -6.99 12.52
C LYS A 257 -20.31 -5.57 12.09
N LYS A 258 -20.87 -4.80 13.01
CA LYS A 258 -21.31 -3.43 12.72
C LYS A 258 -20.15 -2.55 12.28
N TYR A 259 -19.06 -2.59 13.04
CA TYR A 259 -17.96 -1.67 12.81
C TYR A 259 -16.85 -2.16 11.87
N LEU A 260 -16.73 -3.47 11.70
CA LEU A 260 -15.63 -4.03 10.91
C LEU A 260 -16.08 -4.96 9.79
N ILE A 261 -16.66 -6.10 10.14
CA ILE A 261 -17.02 -7.12 9.16
C ILE A 261 -17.94 -6.58 8.06
N ASP A 262 -19.07 -6.01 8.47
CA ASP A 262 -20.05 -5.52 7.51
C ASP A 262 -19.53 -4.34 6.69
N LYS A 263 -18.40 -3.76 7.12
CA LYS A 263 -17.71 -2.73 6.34
C LYS A 263 -16.62 -3.33 5.46
N GLY A 264 -16.52 -4.67 5.46
CA GLY A 264 -15.52 -5.35 4.65
C GLY A 264 -14.09 -5.21 5.15
N ILE A 265 -13.93 -4.98 6.46
CA ILE A 265 -12.60 -4.97 7.08
C ILE A 265 -12.29 -6.35 7.67
N PRO A 266 -11.16 -6.95 7.28
CA PRO A 266 -10.81 -8.25 7.85
C PRO A 266 -10.62 -8.16 9.36
N VAL A 267 -11.16 -9.13 10.09
CA VAL A 267 -10.96 -9.21 11.53
C VAL A 267 -10.39 -10.58 11.88
N VAL A 268 -9.44 -10.59 12.82
CA VAL A 268 -8.86 -11.82 13.32
C VAL A 268 -8.91 -11.76 14.84
N ILE A 269 -9.37 -12.84 15.47
CA ILE A 269 -9.30 -12.93 16.93
C ILE A 269 -7.97 -13.57 17.30
N THR A 270 -6.99 -12.77 17.68
CA THR A 270 -5.65 -13.31 17.85
C THR A 270 -5.42 -13.95 19.22
N GLU A 271 -6.37 -13.79 20.14
CA GLU A 271 -6.37 -14.58 21.39
C GLU A 271 -7.80 -14.84 21.86
N THR A 272 -8.06 -16.08 22.24
CA THR A 272 -9.25 -16.44 23.00
C THR A 272 -8.98 -17.80 23.63
N GLY A 273 -9.96 -18.34 24.35
CA GLY A 273 -9.75 -19.59 25.04
C GLY A 273 -10.50 -19.61 26.36
N ALA A 274 -10.51 -20.76 27.03
CA ALA A 274 -11.21 -20.88 28.30
C ALA A 274 -10.34 -21.66 29.29
N GLN A 275 -10.10 -21.09 30.46
CA GLN A 275 -9.26 -21.79 31.42
C GLN A 275 -9.95 -23.08 31.84
N PHE A 276 -9.17 -24.14 32.04
CA PHE A 276 -9.75 -25.44 32.38
C PHE A 276 -10.19 -25.47 33.84
N LYS A 277 -11.47 -25.75 34.05
CA LYS A 277 -12.04 -25.75 35.40
C LYS A 277 -12.70 -27.10 35.70
N GLU A 278 -12.05 -28.19 35.30
CA GLU A 278 -12.60 -29.54 35.44
C GLU A 278 -14.00 -29.59 34.85
N ASN A 279 -14.15 -28.90 33.72
CA ASN A 279 -15.45 -28.71 33.07
C ASN A 279 -15.33 -28.97 31.57
N THR A 280 -14.71 -30.07 31.21
CA THR A 280 -14.49 -30.42 29.80
C THR A 280 -15.76 -30.25 28.97
N GLU A 281 -16.85 -30.85 29.42
CA GLU A 281 -18.09 -30.83 28.65
C GLU A 281 -18.62 -29.42 28.44
N ASP A 282 -18.44 -28.56 29.44
CA ASP A 282 -18.88 -27.16 29.35
C ASP A 282 -18.04 -26.36 28.36
N ILE A 283 -16.73 -26.56 28.42
CA ILE A 283 -15.84 -25.86 27.47
C ILE A 283 -16.14 -26.30 26.04
N VAL A 284 -16.36 -27.60 25.84
CA VAL A 284 -16.72 -28.11 24.52
C VAL A 284 -17.96 -27.42 23.99
N ARG A 285 -18.98 -27.25 24.84
CA ARG A 285 -20.18 -26.51 24.45
C ARG A 285 -19.92 -25.02 24.19
N TRP A 286 -19.08 -24.41 25.02
CA TRP A 286 -18.75 -23.00 24.82
C TRP A 286 -18.04 -22.80 23.47
N ILE A 287 -17.14 -23.71 23.14
CA ILE A 287 -16.43 -23.64 21.86
C ILE A 287 -17.42 -23.65 20.69
N GLY A 288 -18.42 -24.53 20.76
CA GLY A 288 -19.45 -24.57 19.74
C GLY A 288 -20.18 -23.24 19.57
N ASP A 289 -20.51 -22.60 20.68
CA ASP A 289 -21.23 -21.33 20.63
C ASP A 289 -20.33 -20.18 20.20
N TYR A 290 -19.12 -20.18 20.75
CA TYR A 290 -18.19 -19.09 20.49
C TYR A 290 -17.57 -19.19 19.10
N VAL A 291 -16.91 -20.30 18.80
CA VAL A 291 -16.27 -20.44 17.48
C VAL A 291 -17.33 -20.51 16.39
N GLY A 292 -18.46 -21.14 16.70
CA GLY A 292 -19.57 -21.18 15.76
C GLY A 292 -20.08 -19.79 15.41
N THR A 293 -19.99 -18.86 16.34
CA THR A 293 -20.41 -17.49 16.06
C THR A 293 -19.44 -16.83 15.08
N LEU A 294 -18.15 -17.03 15.30
CA LEU A 294 -17.13 -16.50 14.39
C LEU A 294 -17.24 -17.14 12.99
N ASP A 295 -17.54 -18.42 12.95
CA ASP A 295 -17.62 -19.13 11.67
C ASP A 295 -18.73 -18.60 10.75
N GLN A 296 -19.68 -17.86 11.31
CA GLN A 296 -20.76 -17.28 10.52
C GLN A 296 -20.24 -16.38 9.42
N ASP A 297 -19.12 -15.71 9.68
CA ASP A 297 -18.54 -14.80 8.70
C ASP A 297 -17.10 -15.17 8.38
N GLY A 298 -16.74 -16.42 8.64
CA GLY A 298 -15.41 -16.91 8.35
C GLY A 298 -14.30 -16.20 9.11
N VAL A 299 -14.62 -15.67 10.28
CA VAL A 299 -13.61 -15.03 11.13
C VAL A 299 -12.78 -16.12 11.80
N LYS A 300 -11.46 -15.97 11.76
CA LYS A 300 -10.54 -16.97 12.33
C LYS A 300 -10.13 -16.56 13.73
N CYS A 301 -9.79 -17.55 14.55
CA CYS A 301 -9.27 -17.24 15.90
C CYS A 301 -8.02 -18.05 16.21
N PHE A 302 -7.24 -17.55 17.17
CA PHE A 302 -6.04 -18.22 17.64
C PHE A 302 -6.20 -18.48 19.12
N ILE A 303 -6.06 -19.74 19.54
CA ILE A 303 -6.28 -20.10 20.95
C ILE A 303 -5.02 -19.85 21.79
N TRP A 304 -5.19 -19.22 22.96
CA TRP A 304 -4.08 -18.99 23.87
C TRP A 304 -3.69 -20.28 24.58
N ASP A 305 -2.43 -20.67 24.49
CA ASP A 305 -1.95 -21.91 25.10
C ASP A 305 -0.64 -21.64 25.81
N ASN A 306 -0.69 -21.60 27.15
CA ASN A 306 0.49 -21.28 27.95
C ASN A 306 1.16 -22.51 28.60
N ASN A 307 0.69 -23.70 28.23
CA ASN A 307 1.22 -24.98 28.72
C ASN A 307 0.99 -25.17 30.22
N ILE A 308 -0.04 -24.51 30.74
CA ILE A 308 -0.42 -24.68 32.15
C ILE A 308 -1.74 -25.43 32.24
N TYR A 309 -1.75 -26.59 32.89
CA TYR A 309 -2.95 -27.39 32.95
C TYR A 309 -3.15 -28.06 34.31
N HIS A 310 -2.12 -28.77 34.78
CA HIS A 310 -2.21 -29.45 36.08
C HIS A 310 -1.80 -28.53 37.23
N GLY A 311 -0.83 -27.66 36.97
CA GLY A 311 -0.27 -26.83 38.02
C GLY A 311 -1.04 -25.56 38.30
N ASN A 312 -0.54 -24.77 39.24
CA ASN A 312 -1.14 -23.47 39.55
C ASN A 312 -0.97 -22.52 38.37
N GLY A 313 -1.89 -21.56 38.26
CA GLY A 313 -1.81 -20.56 37.21
C GLY A 313 -3.05 -20.59 36.34
N GLU A 314 -3.05 -19.77 35.30
CA GLU A 314 -4.20 -19.71 34.41
C GLU A 314 -4.14 -20.92 33.49
N LYS A 315 -5.12 -21.82 33.63
CA LYS A 315 -5.01 -23.13 32.99
C LYS A 315 -5.48 -23.12 31.54
N PHE A 316 -4.78 -22.37 30.70
CA PHE A 316 -5.10 -22.33 29.27
C PHE A 316 -4.38 -23.44 28.47
N GLY A 317 -3.54 -24.22 29.14
CA GLY A 317 -2.75 -25.24 28.47
C GLY A 317 -3.54 -26.26 27.67
N LEU A 318 -3.07 -26.56 26.46
CA LEU A 318 -3.73 -27.58 25.63
C LEU A 318 -2.75 -28.66 25.19
N LEU A 319 -1.58 -28.22 24.70
CA LEU A 319 -0.53 -29.15 24.33
C LEU A 319 0.45 -29.33 25.48
N ASN A 320 0.61 -30.57 25.97
CA ASN A 320 1.70 -30.84 26.91
C ASN A 320 2.98 -30.94 26.10
N ARG A 321 3.76 -29.87 26.11
CA ARG A 321 4.89 -29.75 25.18
C ARG A 321 6.01 -30.75 25.44
N SER A 322 6.23 -31.09 26.72
CA SER A 322 7.28 -32.06 27.05
C SER A 322 6.96 -33.47 26.55
N LEU A 323 5.68 -33.80 26.46
CA LEU A 323 5.27 -35.15 26.06
C LEU A 323 4.77 -35.23 24.62
N LEU A 324 4.51 -34.08 24.01
CA LEU A 324 3.92 -34.02 22.67
C LEU A 324 2.58 -34.75 22.64
N LYS A 325 1.82 -34.60 23.72
CA LYS A 325 0.47 -35.14 23.82
C LYS A 325 -0.43 -34.02 24.33
N TRP A 326 -1.71 -34.07 23.98
CA TRP A 326 -2.61 -33.01 24.40
C TRP A 326 -3.21 -33.29 25.78
N TYR A 327 -3.35 -32.24 26.59
CA TYR A 327 -3.87 -32.39 27.96
C TYR A 327 -5.32 -32.87 27.96
N ASN A 328 -6.06 -32.49 26.94
CA ASN A 328 -7.50 -32.74 26.90
C ASN A 328 -7.96 -32.85 25.46
N ASP A 329 -8.09 -34.08 24.97
CA ASP A 329 -8.38 -34.29 23.56
C ASP A 329 -9.81 -33.89 23.16
N ASP A 330 -10.72 -33.88 24.13
CA ASP A 330 -12.09 -33.46 23.84
C ASP A 330 -12.17 -31.96 23.55
N ILE A 331 -11.49 -31.16 24.37
CA ILE A 331 -11.44 -29.72 24.12
C ILE A 331 -10.73 -29.44 22.79
N VAL A 332 -9.57 -30.06 22.61
CA VAL A 332 -8.80 -29.88 21.37
C VAL A 332 -9.61 -30.31 20.13
N ASP A 333 -10.31 -31.44 20.21
CA ASP A 333 -11.18 -31.87 19.11
C ASP A 333 -12.18 -30.79 18.73
N ALA A 334 -12.82 -30.19 19.72
CA ALA A 334 -13.86 -29.19 19.43
C ALA A 334 -13.27 -28.01 18.67
N TYR A 335 -12.07 -27.61 19.05
CA TYR A 335 -11.37 -26.53 18.35
C TYR A 335 -11.06 -26.90 16.89
N VAL A 336 -10.23 -27.91 16.70
CA VAL A 336 -9.74 -28.24 15.35
C VAL A 336 -10.83 -28.74 14.41
N ASN A 337 -11.89 -29.35 14.94
CA ASN A 337 -13.01 -29.80 14.11
C ASN A 337 -14.18 -28.80 14.11
N HIS A 338 -13.90 -27.55 14.44
CA HIS A 338 -14.96 -26.56 14.56
C HIS A 338 -15.79 -26.42 13.29
N ALA A 339 -15.15 -26.58 12.14
CA ALA A 339 -15.82 -26.39 10.85
C ALA A 339 -16.62 -27.62 10.43
N ALA A 340 -16.43 -28.73 11.15
CA ALA A 340 -17.19 -29.96 10.91
C ALA A 340 -18.53 -29.93 11.65
N ASP B 1 -10.05 5.22 1.14
CA ASP B 1 -9.80 6.66 1.10
C ASP B 1 -8.54 6.98 0.33
N ARG B 2 -8.69 7.73 -0.77
CA ARG B 2 -7.56 8.11 -1.61
C ARG B 2 -7.27 9.60 -1.47
N SER B 3 -7.70 10.19 -0.36
CA SER B 3 -7.63 11.64 -0.17
C SER B 3 -6.19 12.18 -0.16
N ARG B 4 -5.24 11.36 0.26
CA ARG B 4 -3.86 11.80 0.26
C ARG B 4 -3.41 12.18 -1.15
N VAL B 5 -3.83 11.39 -2.13
CA VAL B 5 -3.48 11.67 -3.51
C VAL B 5 -4.15 12.97 -3.97
N PHE B 6 -5.44 13.12 -3.67
CA PHE B 6 -6.13 14.36 -4.01
C PHE B 6 -5.46 15.56 -3.36
N ASP B 7 -5.05 15.41 -2.11
CA ASP B 7 -4.39 16.49 -1.38
C ASP B 7 -3.12 16.94 -2.09
N ILE B 8 -2.29 15.98 -2.48
CA ILE B 8 -1.05 16.31 -3.17
C ILE B 8 -1.34 17.02 -4.49
N LEU B 9 -2.26 16.46 -5.28
CA LEU B 9 -2.55 17.03 -6.59
C LEU B 9 -3.15 18.43 -6.49
N SER B 10 -3.89 18.70 -5.42
CA SER B 10 -4.52 20.01 -5.27
C SER B 10 -3.51 21.16 -5.19
N ASN B 11 -2.25 20.84 -4.92
CA ASN B 11 -1.22 21.86 -4.84
C ASN B 11 -0.71 22.34 -6.20
N ILE B 12 -1.12 21.64 -7.26
CA ILE B 12 -0.69 21.99 -8.61
C ILE B 12 -1.60 23.08 -9.20
N ASN B 13 -0.99 24.13 -9.73
CA ASN B 13 -1.74 25.08 -10.54
C ASN B 13 -2.04 24.44 -11.89
N ILE B 14 -1.00 24.34 -12.70
CA ILE B 14 -1.08 23.62 -13.97
C ILE B 14 0.32 23.13 -14.31
N GLY B 15 0.42 22.10 -15.14
CA GLY B 15 1.70 21.46 -15.40
C GLY B 15 2.24 21.64 -16.80
N TRP B 16 3.51 21.28 -16.99
CA TRP B 16 4.21 21.51 -18.25
C TRP B 16 5.13 20.32 -18.55
N ASN B 17 5.12 19.83 -19.80
CA ASN B 17 5.98 18.73 -20.22
C ASN B 17 7.27 19.22 -20.86
N LEU B 18 8.41 18.67 -20.43
CA LEU B 18 9.69 18.90 -21.09
C LEU B 18 9.77 17.96 -22.32
N GLY B 19 8.99 18.27 -23.34
CA GLY B 19 8.84 17.36 -24.49
C GLY B 19 9.96 17.35 -25.50
N ASN B 20 10.10 16.23 -26.20
CA ASN B 20 11.13 16.06 -27.25
C ASN B 20 12.53 16.29 -26.72
N THR B 21 12.76 15.82 -25.48
CA THR B 21 14.01 16.09 -24.78
C THR B 21 14.61 14.77 -24.29
N LEU B 22 14.41 14.41 -23.02
CA LEU B 22 14.90 13.11 -22.56
C LEU B 22 14.11 11.96 -23.18
N ASP B 23 12.97 12.28 -23.80
CA ASP B 23 12.16 11.28 -24.51
C ASP B 23 12.64 11.06 -25.95
N ALA B 24 13.51 11.94 -26.42
CA ALA B 24 14.07 11.80 -27.76
C ALA B 24 14.90 10.52 -27.90
N THR B 25 14.88 9.89 -29.07
CA THR B 25 15.41 8.54 -29.23
C THR B 25 16.66 8.44 -30.11
N GLY B 26 17.19 9.59 -30.55
CA GLY B 26 18.43 9.58 -31.30
C GLY B 26 19.61 9.48 -30.35
N GLY B 27 20.82 9.37 -30.90
CA GLY B 27 22.02 9.38 -30.07
C GLY B 27 22.44 8.04 -29.46
N GLY B 28 21.63 7.01 -29.62
CA GLY B 28 21.98 5.70 -29.09
C GLY B 28 22.13 5.71 -27.57
N ASN B 29 23.08 4.93 -27.07
CA ASN B 29 23.35 4.85 -25.64
C ASN B 29 24.24 6.00 -25.21
N SER B 30 23.71 7.21 -25.30
CA SER B 30 24.48 8.42 -24.97
C SER B 30 23.59 9.46 -24.34
N VAL B 31 24.16 10.31 -23.48
CA VAL B 31 23.39 11.43 -22.96
C VAL B 31 23.02 12.40 -24.08
N ASN B 32 23.67 12.28 -25.23
CA ASN B 32 23.35 13.15 -26.37
C ASN B 32 21.95 12.89 -26.93
N ALA B 33 21.32 11.82 -26.49
CA ALA B 33 19.94 11.58 -26.90
C ALA B 33 19.09 12.82 -26.59
N GLU B 34 19.42 13.50 -25.49
CA GLU B 34 18.63 14.64 -25.03
C GLU B 34 18.47 15.75 -26.07
N THR B 35 19.51 15.98 -26.86
CA THR B 35 19.50 17.05 -27.86
C THR B 35 19.28 16.49 -29.27
N SER B 36 19.02 15.19 -29.36
CA SER B 36 18.96 14.52 -30.67
C SER B 36 17.76 14.93 -31.53
N TRP B 37 16.75 15.54 -30.91
CA TRP B 37 15.60 16.03 -31.68
C TRP B 37 15.62 17.56 -31.79
N GLY B 38 16.78 18.16 -31.58
CA GLY B 38 16.94 19.58 -31.85
C GLY B 38 16.76 20.51 -30.67
N ASN B 39 16.40 19.96 -29.51
CA ASN B 39 16.26 20.82 -28.33
C ASN B 39 17.59 21.03 -27.62
N PRO B 40 17.75 22.21 -27.00
CA PRO B 40 19.00 22.49 -26.27
C PRO B 40 19.05 21.65 -25.00
N LYS B 41 20.24 21.40 -24.48
CA LYS B 41 20.37 20.69 -23.22
C LYS B 41 19.60 21.43 -22.14
N THR B 42 18.84 20.70 -21.32
CA THR B 42 18.02 21.31 -20.30
C THR B 42 18.91 21.96 -19.22
N THR B 43 18.47 23.10 -18.70
CA THR B 43 19.24 23.78 -17.66
C THR B 43 18.35 24.11 -16.48
N GLN B 44 18.97 24.38 -15.34
CA GLN B 44 18.22 24.89 -14.20
C GLN B 44 17.36 26.10 -14.60
N GLU B 45 17.95 27.01 -15.38
CA GLU B 45 17.23 28.23 -15.79
C GLU B 45 15.98 27.95 -16.62
N ILE B 46 16.06 26.95 -17.49
CA ILE B 46 14.88 26.58 -18.26
C ILE B 46 13.77 26.14 -17.32
N VAL B 47 14.11 25.26 -16.37
CA VAL B 47 13.11 24.78 -15.42
C VAL B 47 12.57 25.92 -14.54
N ASP B 48 13.48 26.80 -14.09
CA ASP B 48 13.07 27.97 -13.30
C ASP B 48 12.03 28.79 -14.04
N THR B 49 12.25 28.95 -15.35
CA THR B 49 11.41 29.83 -16.16
C THR B 49 9.99 29.28 -16.23
N VAL B 50 9.88 27.96 -16.40
CA VAL B 50 8.59 27.28 -16.38
C VAL B 50 7.88 27.50 -15.06
N ASN B 51 8.58 27.25 -13.96
CA ASN B 51 8.02 27.43 -12.62
C ASN B 51 7.57 28.87 -12.39
N ASP B 52 8.43 29.82 -12.75
CA ASP B 52 8.17 31.24 -12.46
C ASP B 52 6.92 31.76 -13.17
N ARG B 53 6.62 31.16 -14.32
CA ARG B 53 5.48 31.61 -15.11
C ARG B 53 4.19 31.11 -14.49
N GLY B 54 4.28 30.09 -13.64
CA GLY B 54 3.07 29.58 -13.01
C GLY B 54 2.80 28.10 -13.21
N PHE B 55 3.62 27.43 -14.02
CA PHE B 55 3.54 25.98 -14.12
C PHE B 55 4.38 25.40 -12.99
N ASN B 56 3.78 25.16 -11.82
CA ASN B 56 4.57 24.65 -10.68
C ASN B 56 4.68 23.13 -10.67
N ALA B 57 4.26 22.51 -11.77
CA ALA B 57 4.42 21.07 -11.91
C ALA B 57 5.03 20.80 -13.28
N ILE B 58 5.94 19.83 -13.32
CA ILE B 58 6.64 19.50 -14.56
C ILE B 58 6.60 18.00 -14.79
N ARG B 59 6.26 17.59 -16.00
CA ARG B 59 6.38 16.20 -16.39
C ARG B 59 7.65 16.06 -17.23
N ILE B 60 8.46 15.06 -16.87
CA ILE B 60 9.76 14.86 -17.49
C ILE B 60 9.69 13.53 -18.21
N PRO B 61 9.33 13.58 -19.48
CA PRO B 61 9.23 12.33 -20.24
C PRO B 61 10.62 11.80 -20.53
N VAL B 62 10.83 10.49 -20.33
CA VAL B 62 12.14 9.89 -20.57
C VAL B 62 11.98 8.59 -21.33
N THR B 63 12.72 8.44 -22.43
CA THR B 63 12.76 7.16 -23.13
C THR B 63 14.04 6.46 -22.72
N PHE B 64 13.89 5.27 -22.15
CA PHE B 64 15.03 4.54 -21.60
C PHE B 64 15.65 3.50 -22.53
N ALA B 65 14.81 2.95 -23.42
CA ALA B 65 15.18 1.79 -24.25
C ALA B 65 16.63 1.76 -24.70
N ASN B 66 17.08 2.78 -25.42
CA ASN B 66 18.44 2.76 -25.96
C ASN B 66 19.54 2.82 -24.90
N HIS B 67 19.17 3.18 -23.68
CA HIS B 67 20.15 3.30 -22.61
C HIS B 67 20.14 2.08 -21.71
N LEU B 68 19.43 1.04 -22.13
CA LEU B 68 19.29 -0.15 -21.30
C LEU B 68 20.26 -1.23 -21.71
N GLY B 69 20.81 -1.94 -20.72
CA GLY B 69 21.59 -3.13 -21.00
C GLY B 69 20.68 -4.27 -21.41
N PRO B 70 21.27 -5.44 -21.71
CA PRO B 70 20.49 -6.61 -22.16
C PRO B 70 19.55 -7.15 -21.09
N ALA B 71 18.47 -7.77 -21.54
CA ALA B 71 17.63 -8.56 -20.64
C ALA B 71 18.54 -9.59 -19.98
N PRO B 72 18.19 -10.05 -18.76
CA PRO B 72 16.98 -9.62 -18.03
C PRO B 72 17.22 -8.50 -17.01
N GLU B 73 18.46 -8.04 -16.85
CA GLU B 73 18.72 -6.96 -15.88
C GLU B 73 18.25 -5.60 -16.41
N TYR B 74 18.34 -5.42 -17.72
CA TYR B 74 17.99 -4.13 -18.33
C TYR B 74 18.60 -2.96 -17.57
N THR B 75 19.89 -3.06 -17.25
CA THR B 75 20.55 -2.04 -16.45
C THR B 75 20.59 -0.69 -17.18
N ILE B 76 20.10 0.36 -16.51
CA ILE B 76 20.14 1.70 -17.09
C ILE B 76 21.58 2.20 -17.06
N SER B 77 22.08 2.62 -18.24
CA SER B 77 23.42 3.18 -18.30
C SER B 77 23.60 4.23 -17.21
N ALA B 78 24.72 4.16 -16.49
CA ALA B 78 24.95 5.06 -15.37
C ALA B 78 24.89 6.53 -15.76
N ASP B 79 25.47 6.86 -16.92
CA ASP B 79 25.49 8.24 -17.39
C ASP B 79 24.07 8.76 -17.64
N TRP B 80 23.21 7.90 -18.17
CA TRP B 80 21.84 8.29 -18.46
C TRP B 80 21.02 8.46 -17.18
N LEU B 81 21.14 7.50 -16.26
CA LEU B 81 20.45 7.64 -14.99
C LEU B 81 20.87 8.93 -14.28
N ALA B 82 22.17 9.24 -14.29
CA ALA B 82 22.65 10.44 -13.62
C ALA B 82 22.09 11.71 -14.28
N ARG B 83 22.00 11.72 -15.61
CA ARG B 83 21.46 12.88 -16.32
C ARG B 83 19.96 13.05 -16.04
N VAL B 84 19.22 11.95 -16.05
CA VAL B 84 17.80 12.00 -15.68
C VAL B 84 17.67 12.58 -14.27
N LYS B 85 18.52 12.11 -13.35
CA LYS B 85 18.47 12.64 -11.98
C LYS B 85 18.79 14.14 -11.92
N GLU B 86 19.75 14.60 -12.72
CA GLU B 86 20.08 16.03 -12.75
C GLU B 86 18.87 16.86 -13.15
N VAL B 87 18.15 16.39 -14.16
CA VAL B 87 16.99 17.12 -14.65
C VAL B 87 15.83 17.11 -13.65
N VAL B 88 15.59 15.95 -13.04
CA VAL B 88 14.58 15.89 -11.98
C VAL B 88 15.00 16.85 -10.87
N ASP B 89 16.29 16.90 -10.56
CA ASP B 89 16.79 17.77 -9.49
C ASP B 89 16.59 19.28 -9.78
N TYR B 90 16.65 19.70 -11.05
CA TYR B 90 16.31 21.10 -11.38
C TYR B 90 14.95 21.45 -10.79
N ALA B 91 13.99 20.54 -10.94
CA ALA B 91 12.63 20.76 -10.44
C ALA B 91 12.57 20.66 -8.92
N VAL B 92 13.29 19.70 -8.34
CA VAL B 92 13.32 19.57 -6.88
C VAL B 92 13.93 20.81 -6.25
N ASN B 93 14.99 21.34 -6.87
CA ASN B 93 15.59 22.57 -6.39
C ASN B 93 14.60 23.72 -6.28
N ASP B 94 13.55 23.68 -7.08
CA ASP B 94 12.56 24.75 -7.11
C ASP B 94 11.27 24.37 -6.39
N GLY B 95 11.26 23.21 -5.73
CA GLY B 95 10.11 22.80 -4.96
C GLY B 95 8.89 22.46 -5.80
N TYR B 97 6.18 20.17 -8.24
CA TYR B 97 5.58 18.85 -8.38
C TYR B 97 6.11 18.26 -9.67
N ILE B 98 6.38 16.96 -9.66
CA ILE B 98 7.11 16.36 -10.77
C ILE B 98 6.49 15.04 -11.16
N ILE B 99 6.39 14.80 -12.47
CA ILE B 99 6.09 13.45 -12.93
C ILE B 99 7.27 12.93 -13.74
N LEU B 100 7.81 11.78 -13.33
CA LEU B 100 8.79 11.06 -14.15
C LEU B 100 8.11 9.86 -14.79
N ASP B 101 8.22 9.72 -16.11
CA ASP B 101 7.63 8.58 -16.79
C ASP B 101 8.67 7.72 -17.50
N THR B 102 8.21 6.64 -18.12
CA THR B 102 8.93 6.03 -19.24
C THR B 102 8.12 6.44 -20.45
N HIS B 103 8.77 6.57 -21.61
CA HIS B 103 8.09 7.29 -22.69
C HIS B 103 8.02 6.50 -23.99
N HIS B 104 8.89 6.77 -24.95
CA HIS B 104 8.80 6.05 -26.24
C HIS B 104 9.37 4.64 -26.20
N GLU B 105 9.20 3.97 -25.06
CA GLU B 105 9.51 2.54 -24.96
C GLU B 105 8.69 1.80 -26.01
N THR B 106 7.58 2.42 -26.40
CA THR B 106 6.64 1.88 -27.39
C THR B 106 7.23 1.75 -28.80
N ASN B 107 8.36 2.41 -29.06
CA ASN B 107 9.07 2.25 -30.33
C ASN B 107 9.96 1.02 -30.33
N TYR B 108 10.19 0.47 -29.13
CA TYR B 108 11.22 -0.53 -28.92
C TYR B 108 10.64 -1.83 -28.40
N TRP B 109 10.62 -1.98 -27.08
CA TRP B 109 10.20 -3.24 -26.47
C TRP B 109 8.74 -3.24 -26.02
N LEU B 110 8.19 -2.04 -25.78
CA LEU B 110 6.86 -1.97 -25.20
C LEU B 110 5.81 -2.03 -26.31
N LYS B 111 5.66 -3.24 -26.86
CA LYS B 111 4.65 -3.55 -27.88
C LYS B 111 3.62 -4.44 -27.19
N THR B 112 2.36 -3.98 -27.16
CA THR B 112 1.35 -4.64 -26.35
C THR B 112 0.80 -5.93 -27.00
N ASP B 113 1.67 -6.91 -27.18
CA ASP B 113 1.22 -8.24 -27.61
C ASP B 113 0.87 -9.08 -26.39
N PRO B 114 -0.42 -9.41 -26.23
CA PRO B 114 -0.89 -10.16 -25.07
C PRO B 114 -0.14 -11.48 -24.84
N ASN B 115 0.41 -12.08 -25.91
CA ASN B 115 1.15 -13.33 -25.78
C ASN B 115 2.54 -13.15 -25.18
N ASN B 116 2.96 -11.89 -25.08
CA ASN B 116 4.30 -11.57 -24.55
C ASN B 116 4.23 -10.94 -23.16
N GLU B 117 3.15 -11.20 -22.44
CA GLU B 117 2.91 -10.55 -21.14
C GLU B 117 4.08 -10.65 -20.17
N ALA B 118 4.63 -11.85 -19.99
CA ALA B 118 5.67 -12.04 -19.00
C ALA B 118 6.88 -11.16 -19.30
N ALA B 119 7.38 -11.22 -20.53
CA ALA B 119 8.56 -10.44 -20.90
C ALA B 119 8.32 -8.94 -20.74
N LEU B 120 7.12 -8.50 -21.08
CA LEU B 120 6.74 -7.08 -20.98
C LEU B 120 6.68 -6.61 -19.52
N CYS B 121 5.96 -7.36 -18.69
CA CYS B 121 5.86 -7.04 -17.28
C CYS B 121 7.22 -7.02 -16.62
N GLU B 122 8.06 -7.99 -16.98
CA GLU B 122 9.38 -8.13 -16.36
C GLU B 122 10.31 -6.99 -16.74
N GLU B 123 10.29 -6.58 -18.00
CA GLU B 123 11.14 -5.47 -18.40
C GLU B 123 10.67 -4.17 -17.75
N LEU B 124 9.36 -3.91 -17.76
CA LEU B 124 8.83 -2.74 -17.09
C LEU B 124 9.22 -2.71 -15.61
N ALA B 125 9.09 -3.86 -14.96
CA ALA B 125 9.45 -3.95 -13.55
C ALA B 125 10.95 -3.74 -13.32
N ALA B 126 11.78 -4.27 -14.20
CA ALA B 126 13.23 -4.15 -14.02
C ALA B 126 13.68 -2.70 -14.14
N ILE B 127 13.05 -1.97 -15.05
CA ILE B 127 13.39 -0.55 -15.24
C ILE B 127 12.90 0.22 -14.02
N TRP B 128 11.66 -0.02 -13.60
CA TRP B 128 11.11 0.77 -12.49
C TRP B 128 11.76 0.46 -11.15
N LYS B 129 12.22 -0.77 -10.97
CA LYS B 129 12.98 -1.08 -9.76
C LYS B 129 14.20 -0.17 -9.65
N GLN B 130 14.90 0.00 -10.76
CA GLN B 130 16.09 0.83 -10.77
C GLN B 130 15.79 2.31 -10.56
N LEU B 131 14.72 2.81 -11.20
CA LEU B 131 14.33 4.21 -11.03
C LEU B 131 13.85 4.47 -9.60
N ALA B 132 13.05 3.56 -9.07
CA ALA B 132 12.56 3.74 -7.70
C ALA B 132 13.74 3.76 -6.72
N GLU B 133 14.72 2.88 -6.93
CA GLU B 133 15.90 2.87 -6.08
C GLU B 133 16.64 4.21 -6.16
N ALA B 134 16.83 4.71 -7.37
CA ALA B 134 17.54 5.97 -7.57
C ALA B 134 16.85 7.14 -6.87
N PHE B 135 15.52 7.11 -6.84
CA PHE B 135 14.75 8.26 -6.34
C PHE B 135 14.05 7.93 -5.04
N LYS B 136 14.55 6.91 -4.35
CA LYS B 136 13.91 6.43 -3.13
C LYS B 136 13.73 7.50 -2.05
N ASP B 137 14.72 8.38 -1.90
CA ASP B 137 14.74 9.41 -0.86
C ASP B 137 14.02 10.71 -1.22
N TYR B 138 13.46 10.77 -2.42
CA TYR B 138 12.73 11.96 -2.87
C TYR B 138 11.35 12.07 -2.22
N ASP B 139 10.91 13.30 -1.97
CA ASP B 139 9.64 13.50 -1.23
C ASP B 139 8.39 13.31 -2.08
N GLU B 140 7.24 13.60 -1.49
CA GLU B 140 5.96 13.24 -2.11
C GLU B 140 5.60 14.09 -3.34
N LYS B 141 6.40 15.12 -3.61
CA LYS B 141 6.16 15.96 -4.78
C LYS B 141 6.59 15.28 -6.08
N LEU B 142 7.47 14.27 -5.97
CA LEU B 142 7.87 13.49 -7.15
C LEU B 142 6.94 12.30 -7.29
N PHE B 144 5.59 9.03 -10.01
CA PHE B 144 6.02 8.16 -11.11
C PHE B 144 4.82 7.84 -11.99
N GLU B 145 5.03 7.88 -13.31
CA GLU B 145 4.00 7.47 -14.27
C GLU B 145 4.59 6.31 -15.07
N GLY B 146 4.03 5.11 -14.90
CA GLY B 146 4.67 3.88 -15.36
C GLY B 146 4.98 3.82 -16.85
N ASN B 148 3.85 5.46 -21.06
CA ASN B 148 3.25 6.53 -21.87
C ASN B 148 2.60 5.95 -23.11
N GLU B 149 1.29 6.13 -23.24
CA GLU B 149 0.55 5.65 -24.42
C GLU B 149 0.95 4.25 -24.86
N PRO B 150 0.96 3.29 -23.92
CA PRO B 150 1.33 1.92 -24.24
C PRO B 150 0.31 1.34 -25.22
N ARG B 151 0.80 0.74 -26.29
CA ARG B 151 -0.05 0.34 -27.40
C ARG B 151 0.76 -0.56 -28.36
N ALA B 153 1.95 -0.08 -31.96
CA ALA B 153 2.01 0.88 -33.07
C ALA B 153 1.71 0.19 -34.40
N GLY B 154 0.85 0.80 -35.20
CA GLY B 154 0.49 0.24 -36.49
C GLY B 154 -0.80 -0.57 -36.47
N SER B 155 -1.26 -0.91 -35.28
CA SER B 155 -2.48 -1.71 -35.14
C SER B 155 -3.73 -0.89 -35.49
N ALA B 156 -4.79 -1.57 -35.93
CA ALA B 156 -6.01 -0.87 -36.32
C ALA B 156 -6.53 0.02 -35.19
N LYS B 157 -6.50 -0.50 -33.96
CA LYS B 157 -7.03 0.24 -32.81
C LYS B 157 -5.94 0.88 -31.95
N GLU B 158 -4.78 1.17 -32.55
CA GLU B 158 -3.67 1.81 -31.84
C GLU B 158 -4.12 3.05 -31.08
N TRP B 159 -4.95 3.87 -31.72
CA TRP B 159 -5.38 5.13 -31.13
C TRP B 159 -6.85 5.15 -30.71
N SER B 160 -7.46 3.98 -30.59
CA SER B 160 -8.85 3.90 -30.15
C SER B 160 -9.02 2.98 -28.92
N GLY B 161 -7.97 2.85 -28.12
CA GLY B 161 -8.07 2.07 -26.90
C GLY B 161 -7.73 0.60 -27.03
N GLY B 162 -7.27 0.20 -28.22
CA GLY B 162 -6.83 -1.16 -28.46
C GLY B 162 -7.93 -2.20 -28.40
N THR B 163 -7.53 -3.46 -28.22
CA THR B 163 -8.46 -4.57 -28.13
C THR B 163 -8.67 -4.97 -26.66
N PRO B 164 -9.72 -5.76 -26.39
CA PRO B 164 -9.98 -6.19 -25.02
C PRO B 164 -8.81 -6.96 -24.43
N ALA B 165 -8.15 -7.78 -25.26
CA ALA B 165 -7.01 -8.56 -24.81
C ALA B 165 -5.85 -7.65 -24.42
N GLU B 166 -5.63 -6.61 -25.22
CA GLU B 166 -4.57 -5.63 -24.95
C GLU B 166 -4.86 -4.88 -23.66
N ARG B 167 -6.13 -4.53 -23.45
CA ARG B 167 -6.49 -3.79 -22.25
C ARG B 167 -6.31 -4.62 -20.99
N LYS B 168 -6.50 -5.93 -21.10
CA LYS B 168 -6.16 -6.81 -19.99
C LYS B 168 -4.65 -6.81 -19.73
N LEU B 169 -3.86 -6.82 -20.79
CA LEU B 169 -2.41 -6.77 -20.66
C LEU B 169 -1.99 -5.46 -19.98
N ILE B 170 -2.63 -4.37 -20.37
CA ILE B 170 -2.33 -3.08 -19.74
C ILE B 170 -2.57 -3.13 -18.23
N ASN B 171 -3.68 -3.75 -17.81
CA ASN B 171 -3.93 -3.92 -16.37
C ASN B 171 -2.81 -4.69 -15.68
N ALA B 172 -2.36 -5.78 -16.31
CA ALA B 172 -1.24 -6.55 -15.79
C ALA B 172 0.04 -5.71 -15.67
N ASN B 174 0.26 -2.36 -15.44
CA ASN B 174 0.06 -1.38 -14.37
C ASN B 174 0.39 -2.00 -13.00
N LYS B 175 -0.04 -3.24 -12.79
CA LYS B 175 0.23 -3.91 -11.51
C LYS B 175 1.71 -4.17 -11.32
N ALA B 176 2.37 -4.63 -12.39
CA ALA B 176 3.80 -4.90 -12.35
C ALA B 176 4.56 -3.63 -11.99
N PHE B 177 4.17 -2.52 -12.60
CA PHE B 177 4.75 -1.21 -12.29
C PHE B 177 4.60 -0.86 -10.80
N ILE B 178 3.38 -0.90 -10.31
CA ILE B 178 3.15 -0.58 -8.90
C ILE B 178 3.92 -1.54 -8.00
N ASP B 179 3.83 -2.84 -8.29
CA ASP B 179 4.51 -3.85 -7.48
C ASP B 179 6.01 -3.59 -7.38
N ALA B 180 6.64 -3.31 -8.51
CA ALA B 180 8.08 -3.11 -8.54
C ALA B 180 8.48 -1.89 -7.73
N VAL B 181 7.70 -0.81 -7.83
CA VAL B 181 8.04 0.39 -7.09
C VAL B 181 7.83 0.20 -5.59
N ARG B 182 6.68 -0.36 -5.19
CA ARG B 182 6.42 -0.54 -3.75
C ARG B 182 7.45 -1.47 -3.11
N ALA B 183 7.95 -2.43 -3.87
CA ALA B 183 8.94 -3.38 -3.34
C ALA B 183 10.27 -2.74 -2.98
N THR B 184 10.53 -1.52 -3.45
CA THR B 184 11.79 -0.85 -3.12
C THR B 184 11.71 -0.08 -1.81
N GLY B 185 10.50 0.10 -1.28
CA GLY B 185 10.33 0.70 0.02
C GLY B 185 10.75 2.17 0.10
N GLY B 186 11.16 2.60 1.28
CA GLY B 186 11.47 4.02 1.49
C GLY B 186 10.27 4.90 1.18
N ASN B 187 10.52 6.09 0.63
CA ASN B 187 9.43 6.98 0.27
C ASN B 187 8.57 6.40 -0.85
N ASN B 188 9.09 5.38 -1.52
CA ASN B 188 8.34 4.72 -2.60
C ASN B 188 7.16 3.91 -2.08
N ALA B 189 7.07 3.75 -0.76
CA ALA B 189 5.99 2.95 -0.20
C ALA B 189 4.65 3.64 -0.39
N ASP B 190 4.65 4.97 -0.36
CA ASP B 190 3.41 5.71 -0.56
C ASP B 190 3.49 6.84 -1.60
N ARG B 191 4.56 6.86 -2.38
CA ARG B 191 4.66 7.80 -3.51
C ARG B 191 3.45 7.65 -4.41
N VAL B 192 2.96 8.76 -4.98
CA VAL B 192 1.85 8.67 -5.93
C VAL B 192 2.36 7.98 -7.19
N LEU B 193 1.68 6.91 -7.59
CA LEU B 193 2.05 6.17 -8.79
C LEU B 193 0.92 6.31 -9.80
N ILE B 194 1.26 6.71 -11.02
CA ILE B 194 0.24 7.08 -12.00
C ILE B 194 0.15 6.02 -13.06
N ILE B 195 -0.97 5.28 -13.07
CA ILE B 195 -1.16 4.22 -14.04
C ILE B 195 -1.90 4.81 -15.25
N CYS B 196 -2.14 3.99 -16.27
CA CYS B 196 -2.77 4.56 -17.46
C CYS B 196 -3.65 3.55 -18.15
N THR B 197 -4.48 4.05 -19.07
CA THR B 197 -5.25 3.20 -19.96
C THR B 197 -4.42 2.89 -21.19
N TYR B 198 -4.90 1.96 -22.02
CA TYR B 198 -4.27 1.68 -23.31
C TYR B 198 -4.18 2.97 -24.12
N GLY B 199 -2.98 3.28 -24.60
CA GLY B 199 -2.73 4.50 -25.36
C GLY B 199 -3.09 5.79 -24.63
N HIS B 200 -3.24 5.74 -23.31
CA HIS B 200 -3.77 6.89 -22.56
C HIS B 200 -5.12 7.34 -23.11
N ASN B 201 -5.83 6.42 -23.75
CA ASN B 201 -7.12 6.71 -24.36
C ASN B 201 -8.25 6.81 -23.33
N SER B 202 -9.22 7.68 -23.60
CA SER B 202 -10.31 7.91 -22.63
C SER B 202 -11.70 7.56 -23.17
N ASP B 203 -11.75 6.76 -24.22
CA ASP B 203 -13.04 6.30 -24.74
C ASP B 203 -13.70 5.38 -23.71
N GLU B 204 -15.03 5.33 -23.73
CA GLU B 204 -15.78 4.58 -22.70
C GLU B 204 -15.39 3.10 -22.55
N PRO B 205 -15.21 2.39 -23.69
CA PRO B 205 -14.81 0.98 -23.58
C PRO B 205 -13.42 0.86 -22.94
N THR B 206 -12.56 1.84 -23.20
CA THR B 206 -11.23 1.83 -22.62
C THR B 206 -11.29 2.04 -21.10
N LEU B 207 -12.12 2.98 -20.65
CA LEU B 207 -12.26 3.24 -19.22
C LEU B 207 -12.94 2.06 -18.54
N LYS B 208 -13.94 1.49 -19.22
CA LYS B 208 -14.71 0.39 -18.68
C LYS B 208 -13.84 -0.83 -18.35
N ASP B 209 -12.81 -1.06 -19.15
CA ASP B 209 -11.93 -2.22 -18.94
C ASP B 209 -10.76 -1.95 -17.98
N LEU B 210 -10.64 -0.71 -17.51
CA LEU B 210 -9.51 -0.36 -16.64
C LEU B 210 -9.68 -0.87 -15.21
N GLU B 211 -8.75 -1.74 -14.80
CA GLU B 211 -8.72 -2.25 -13.44
C GLU B 211 -8.17 -1.20 -12.50
N ILE B 212 -8.85 -0.97 -11.38
CA ILE B 212 -8.40 0.00 -10.39
C ILE B 212 -7.71 -0.71 -9.22
N PRO B 213 -6.41 -0.43 -9.00
CA PRO B 213 -5.69 -1.09 -7.91
C PRO B 213 -6.25 -0.70 -6.54
N SER B 214 -6.09 -1.59 -5.56
CA SER B 214 -6.53 -1.29 -4.20
C SER B 214 -5.54 -0.36 -3.52
N ASP B 215 -4.32 -0.31 -4.06
CA ASP B 215 -3.33 0.65 -3.58
C ASP B 215 -3.94 2.05 -3.57
N PRO B 216 -3.97 2.68 -2.39
CA PRO B 216 -4.68 3.95 -2.21
C PRO B 216 -3.87 5.15 -2.69
N ASN B 217 -2.62 4.92 -3.06
CA ASN B 217 -1.75 6.01 -3.46
C ASN B 217 -1.45 5.97 -4.96
N ILE B 218 -2.50 5.85 -5.76
CA ILE B 218 -2.36 5.87 -7.20
C ILE B 218 -3.26 6.93 -7.83
N ALA B 219 -2.98 7.26 -9.09
CA ALA B 219 -3.85 8.13 -9.87
C ALA B 219 -3.90 7.53 -11.26
N VAL B 220 -4.94 7.87 -12.02
CA VAL B 220 -5.05 7.39 -13.38
C VAL B 220 -4.76 8.53 -14.35
N ALA B 221 -3.84 8.31 -15.29
CA ALA B 221 -3.47 9.32 -16.28
C ALA B 221 -4.21 9.07 -17.59
N LEU B 222 -4.62 10.15 -18.24
CA LEU B 222 -5.26 10.10 -19.54
C LEU B 222 -4.64 11.21 -20.39
N HIS B 223 -4.69 11.08 -21.72
CA HIS B 223 -4.27 12.19 -22.57
C HIS B 223 -5.48 12.62 -23.37
N THR B 224 -5.89 13.87 -23.20
CA THR B 224 -7.09 14.36 -23.87
C THR B 224 -6.82 15.67 -24.62
N TYR B 225 -6.23 15.54 -25.81
CA TYR B 225 -6.07 16.67 -26.71
C TYR B 225 -7.39 16.88 -27.46
N THR B 226 -8.43 17.26 -26.72
CA THR B 226 -9.80 17.21 -27.22
C THR B 226 -10.33 18.60 -27.55
N PRO B 227 -10.90 18.78 -28.75
CA PRO B 227 -11.08 17.80 -29.84
C PRO B 227 -9.84 17.65 -30.70
N TYR B 228 -9.59 16.43 -31.16
CA TYR B 228 -8.43 16.11 -31.99
C TYR B 228 -8.30 17.04 -33.19
N PHE B 229 -9.43 17.37 -33.81
CA PHE B 229 -9.39 18.13 -35.05
C PHE B 229 -9.12 19.61 -34.86
N PHE B 230 -9.23 20.07 -33.60
CA PHE B 230 -8.82 21.42 -33.27
C PHE B 230 -7.34 21.47 -32.86
N THR B 231 -6.92 20.50 -32.05
CA THR B 231 -5.58 20.51 -31.47
C THR B 231 -4.49 20.00 -32.40
N TYR B 232 -4.85 19.12 -33.32
CA TYR B 232 -3.88 18.58 -34.28
C TYR B 232 -4.17 19.06 -35.71
N VAL B 233 -3.18 18.91 -36.58
CA VAL B 233 -3.36 19.20 -37.99
C VAL B 233 -3.59 17.88 -38.72
N ALA B 234 -4.65 17.84 -39.52
CA ALA B 234 -5.02 16.63 -40.26
C ALA B 234 -6.15 16.93 -41.23
N ASP B 235 -6.51 15.92 -42.02
CA ASP B 235 -7.64 15.98 -42.92
C ASP B 235 -8.92 16.21 -42.12
N GLY B 236 -9.50 17.40 -42.23
CA GLY B 236 -10.72 17.72 -41.49
C GLY B 236 -10.47 18.58 -40.27
N SER B 237 -9.21 18.98 -40.06
CA SER B 237 -8.88 19.82 -38.90
C SER B 237 -9.32 21.27 -39.10
N TYR B 238 -9.49 22.00 -38.00
CA TYR B 238 -9.92 23.40 -38.06
C TYR B 238 -9.17 24.21 -37.00
N SER B 239 -9.14 25.53 -37.16
CA SER B 239 -8.40 26.37 -36.21
C SER B 239 -9.30 27.35 -35.48
N VAL B 240 -10.60 27.29 -35.79
CA VAL B 240 -11.56 28.19 -35.17
C VAL B 240 -12.17 27.54 -33.93
N TRP B 241 -12.22 28.29 -32.84
CA TRP B 241 -12.95 27.83 -31.66
C TRP B 241 -14.00 28.86 -31.26
N ASN B 242 -15.26 28.54 -31.52
CA ASN B 242 -16.36 29.42 -31.14
C ASN B 242 -17.27 28.80 -30.09
N GLY B 243 -16.93 27.59 -29.66
CA GLY B 243 -17.70 26.91 -28.63
C GLY B 243 -18.60 25.81 -29.15
N SER B 244 -18.78 25.74 -30.47
CA SER B 244 -19.68 24.76 -31.07
C SER B 244 -19.25 23.31 -30.80
N LYS B 245 -17.94 23.09 -30.66
CA LYS B 245 -17.42 21.75 -30.45
C LYS B 245 -17.16 21.45 -28.98
N LYS B 246 -17.55 22.35 -28.08
CA LYS B 246 -17.33 22.12 -26.66
C LYS B 246 -17.92 20.78 -26.21
N ASN B 247 -18.98 20.36 -26.91
CA ASN B 247 -19.64 19.09 -26.62
C ASN B 247 -18.70 17.88 -26.65
N ASP B 248 -17.73 17.90 -27.55
CA ASP B 248 -16.77 16.80 -27.65
C ASP B 248 -15.97 16.69 -26.35
N ILE B 249 -15.65 17.84 -25.77
CA ILE B 249 -14.93 17.91 -24.51
C ILE B 249 -15.83 17.40 -23.39
N THR B 250 -17.03 17.97 -23.32
CA THR B 250 -17.99 17.66 -22.27
C THR B 250 -18.36 16.17 -22.28
N TRP B 251 -18.66 15.65 -23.47
CA TRP B 251 -19.02 14.25 -23.64
C TRP B 251 -17.95 13.35 -23.06
N GLN B 252 -16.71 13.58 -23.48
CA GLN B 252 -15.57 12.79 -23.06
C GLN B 252 -15.35 12.91 -21.54
N TYR B 253 -15.44 14.13 -21.03
CA TYR B 253 -15.21 14.36 -19.61
C TYR B 253 -16.26 13.66 -18.76
N ASN B 254 -17.48 13.55 -19.27
CA ASN B 254 -18.54 12.87 -18.53
C ASN B 254 -18.26 11.39 -18.34
N ASN B 255 -17.63 10.77 -19.33
CA ASN B 255 -17.20 9.37 -19.18
C ASN B 255 -16.08 9.26 -18.14
N ILE B 256 -15.21 10.26 -18.10
CA ILE B 256 -14.17 10.29 -17.09
C ILE B 256 -14.76 10.45 -15.68
N LYS B 257 -15.77 11.33 -15.55
CA LYS B 257 -16.48 11.49 -14.28
C LYS B 257 -17.18 10.17 -13.92
N LYS B 258 -17.85 9.61 -14.90
CA LYS B 258 -18.61 8.37 -14.75
C LYS B 258 -17.76 7.23 -14.17
N TYR B 259 -16.62 6.96 -14.80
CA TYR B 259 -15.81 5.79 -14.45
C TYR B 259 -14.71 6.02 -13.41
N LEU B 260 -14.31 7.27 -13.22
CA LEU B 260 -13.19 7.57 -12.32
C LEU B 260 -13.50 8.59 -11.23
N ILE B 261 -13.73 9.84 -11.64
CA ILE B 261 -13.90 10.93 -10.68
C ILE B 261 -15.03 10.66 -9.68
N ASP B 262 -16.22 10.38 -10.19
CA ASP B 262 -17.37 10.15 -9.32
C ASP B 262 -17.23 8.88 -8.49
N LYS B 263 -16.17 8.11 -8.74
CA LYS B 263 -15.87 6.95 -7.90
C LYS B 263 -14.73 7.26 -6.94
N GLY B 264 -14.31 8.53 -6.91
CA GLY B 264 -13.26 8.95 -6.00
C GLY B 264 -11.87 8.44 -6.38
N ILE B 265 -11.68 8.15 -7.67
CA ILE B 265 -10.35 7.79 -8.18
C ILE B 265 -9.68 9.05 -8.73
N PRO B 266 -8.48 9.38 -8.23
CA PRO B 266 -7.76 10.56 -8.74
C PRO B 266 -7.46 10.41 -10.23
N VAL B 267 -7.67 11.47 -10.98
CA VAL B 267 -7.37 11.50 -12.41
C VAL B 267 -6.46 12.70 -12.71
N VAL B 268 -5.45 12.48 -13.54
CA VAL B 268 -4.54 13.54 -13.96
C VAL B 268 -4.46 13.48 -15.48
N ILE B 269 -4.57 14.62 -16.15
CA ILE B 269 -4.36 14.66 -17.59
C ILE B 269 -2.89 14.97 -17.85
N THR B 270 -2.09 13.95 -18.15
CA THR B 270 -0.64 14.15 -18.20
C THR B 270 -0.16 14.72 -19.53
N GLU B 271 -1.05 14.78 -20.53
CA GLU B 271 -0.75 15.52 -21.75
C GLU B 271 -2.01 16.11 -22.34
N THR B 272 -1.91 17.36 -22.76
CA THR B 272 -2.92 17.99 -23.62
C THR B 272 -2.30 19.25 -24.18
N GLY B 273 -3.05 19.98 -25.00
CA GLY B 273 -2.51 21.17 -25.64
C GLY B 273 -3.07 21.33 -27.04
N ALA B 274 -2.73 22.42 -27.70
CA ALA B 274 -3.27 22.69 -29.03
C ALA B 274 -2.16 23.24 -29.92
N GLN B 275 -1.93 22.63 -31.07
CA GLN B 275 -0.89 23.12 -31.96
C GLN B 275 -1.21 24.54 -32.40
N PHE B 276 -0.18 25.37 -32.52
CA PHE B 276 -0.41 26.77 -32.89
C PHE B 276 -0.71 26.86 -34.38
N LYS B 277 -1.86 27.46 -34.71
CA LYS B 277 -2.28 27.60 -36.10
C LYS B 277 -2.61 29.06 -36.40
N GLU B 278 -1.77 29.98 -35.93
CA GLU B 278 -1.99 31.41 -36.11
C GLU B 278 -3.39 31.77 -35.66
N ASN B 279 -3.79 31.16 -34.55
CA ASN B 279 -5.14 31.28 -34.02
C ASN B 279 -5.09 31.53 -32.52
N THR B 280 -4.26 32.47 -32.11
CA THR B 280 -4.10 32.80 -30.69
C THR B 280 -5.44 32.91 -29.96
N GLU B 281 -6.34 33.73 -30.47
CA GLU B 281 -7.61 33.98 -29.77
C GLU B 281 -8.46 32.71 -29.67
N ASP B 282 -8.39 31.86 -30.68
CA ASP B 282 -9.16 30.61 -30.66
C ASP B 282 -8.62 29.64 -29.61
N ILE B 283 -7.30 29.50 -29.58
CA ILE B 283 -6.68 28.66 -28.57
C ILE B 283 -6.98 29.18 -27.16
N VAL B 284 -6.92 30.50 -26.96
CA VAL B 284 -7.29 31.09 -25.69
C VAL B 284 -8.72 30.70 -25.28
N ARG B 285 -9.65 30.76 -26.23
CA ARG B 285 -11.03 30.33 -25.96
C ARG B 285 -11.13 28.83 -25.69
N TRP B 286 -10.40 28.03 -26.45
CA TRP B 286 -10.42 26.58 -26.24
C TRP B 286 -9.91 26.25 -24.84
N ILE B 287 -8.86 26.94 -24.41
CA ILE B 287 -8.31 26.72 -23.08
C ILE B 287 -9.36 26.98 -22.00
N GLY B 288 -10.11 28.07 -22.15
CA GLY B 288 -11.21 28.36 -21.24
C GLY B 288 -12.22 27.24 -21.14
N ASP B 289 -12.60 26.67 -22.28
CA ASP B 289 -13.59 25.60 -22.30
C ASP B 289 -13.02 24.29 -21.81
N TYR B 290 -11.80 23.98 -22.24
CA TYR B 290 -11.17 22.72 -21.91
C TYR B 290 -10.68 22.68 -20.45
N VAL B 291 -9.80 23.60 -20.07
CA VAL B 291 -9.29 23.59 -18.70
C VAL B 291 -10.40 23.94 -17.71
N GLY B 292 -11.32 24.80 -18.14
CA GLY B 292 -12.46 25.14 -17.31
C GLY B 292 -13.31 23.92 -17.00
N THR B 293 -13.38 22.98 -17.93
CA THR B 293 -14.12 21.74 -17.71
C THR B 293 -13.40 20.89 -16.65
N LEU B 294 -12.08 20.80 -16.76
CA LEU B 294 -11.29 20.06 -15.77
C LEU B 294 -11.40 20.70 -14.39
N ASP B 295 -11.40 22.03 -14.34
CA ASP B 295 -11.43 22.73 -13.06
C ASP B 295 -12.71 22.44 -12.26
N GLN B 296 -13.76 21.97 -12.93
CA GLN B 296 -15.02 21.65 -12.25
C GLN B 296 -14.82 20.67 -11.11
N ASP B 297 -13.88 19.74 -11.28
CA ASP B 297 -13.65 18.73 -10.27
C ASP B 297 -12.19 18.76 -9.81
N GLY B 298 -11.55 19.89 -10.00
CA GLY B 298 -10.16 20.07 -9.61
C GLY B 298 -9.19 19.11 -10.27
N VAL B 299 -9.51 18.67 -11.48
CA VAL B 299 -8.60 17.81 -12.24
C VAL B 299 -7.47 18.66 -12.81
N LYS B 300 -6.23 18.20 -12.66
CA LYS B 300 -5.07 18.95 -13.11
C LYS B 300 -4.59 18.43 -14.46
N CYS B 301 -3.99 19.30 -15.26
CA CYS B 301 -3.45 18.85 -16.54
C CYS B 301 -2.01 19.32 -16.73
N PHE B 302 -1.29 18.63 -17.61
CA PHE B 302 0.07 19.01 -17.97
C PHE B 302 0.12 19.27 -19.46
N ILE B 303 0.60 20.44 -19.85
CA ILE B 303 0.61 20.86 -21.26
C ILE B 303 1.84 20.34 -21.99
N TRP B 304 1.64 19.73 -23.17
CA TRP B 304 2.75 19.25 -23.97
C TRP B 304 3.50 20.41 -24.62
N ASP B 305 4.82 20.48 -24.39
CA ASP B 305 5.63 21.55 -24.97
C ASP B 305 6.89 20.95 -25.57
N ASN B 306 6.94 20.91 -26.90
CA ASN B 306 8.08 20.33 -27.59
C ASN B 306 9.07 21.35 -28.15
N ASN B 307 8.86 22.62 -27.81
CA ASN B 307 9.72 23.73 -28.23
C ASN B 307 9.67 23.97 -29.75
N ILE B 308 8.59 23.53 -30.38
CA ILE B 308 8.39 23.78 -31.81
C ILE B 308 7.30 24.81 -32.00
N TYR B 309 7.63 25.95 -32.62
CA TYR B 309 6.67 27.01 -32.79
C TYR B 309 6.77 27.68 -34.17
N HIS B 310 7.98 28.06 -34.56
CA HIS B 310 8.20 28.70 -35.87
C HIS B 310 8.49 27.71 -36.99
N GLY B 311 9.11 26.59 -36.65
CA GLY B 311 9.54 25.64 -37.65
C GLY B 311 8.47 24.65 -38.04
N ASN B 312 8.80 23.78 -39.00
CA ASN B 312 7.93 22.67 -39.36
C ASN B 312 7.84 21.74 -38.15
N GLY B 313 6.74 20.98 -38.07
CA GLY B 313 6.55 20.07 -36.96
C GLY B 313 5.26 20.40 -36.23
N GLU B 314 4.95 19.61 -35.20
CA GLU B 314 3.75 19.85 -34.42
C GLU B 314 4.01 21.04 -33.53
N LYS B 315 3.29 22.14 -33.74
CA LYS B 315 3.66 23.39 -33.08
C LYS B 315 3.08 23.52 -31.68
N PHE B 316 3.53 22.64 -30.79
CA PHE B 316 3.11 22.69 -29.40
C PHE B 316 3.99 23.60 -28.52
N GLY B 317 5.05 24.16 -29.10
CA GLY B 317 6.00 24.97 -28.34
C GLY B 317 5.37 26.14 -27.60
N LEU B 318 5.76 26.33 -26.34
CA LEU B 318 5.28 27.48 -25.57
C LEU B 318 6.45 28.30 -25.06
N LEU B 319 7.41 27.60 -24.47
CA LEU B 319 8.63 28.26 -24.01
C LEU B 319 9.74 28.18 -25.05
N ASN B 320 10.22 29.34 -25.50
CA ASN B 320 11.42 29.36 -26.33
C ASN B 320 12.60 29.13 -25.41
N ARG B 321 13.11 27.91 -25.38
CA ARG B 321 14.08 27.53 -24.35
C ARG B 321 15.43 28.24 -24.47
N SER B 322 15.83 28.55 -25.70
CA SER B 322 17.11 29.21 -25.92
C SER B 322 17.09 30.68 -25.46
N LEU B 323 15.93 31.31 -25.52
CA LEU B 323 15.80 32.71 -25.15
C LEU B 323 15.23 32.93 -23.75
N LEU B 324 14.64 31.87 -23.18
CA LEU B 324 13.95 31.98 -21.89
C LEU B 324 12.82 33.00 -21.94
N LYS B 325 12.13 33.03 -23.08
CA LYS B 325 10.90 33.81 -23.22
C LYS B 325 9.84 32.93 -23.86
N TRP B 326 8.58 33.31 -23.71
CA TRP B 326 7.50 32.50 -24.21
C TRP B 326 7.15 32.89 -25.64
N TYR B 327 6.84 31.90 -26.48
CA TYR B 327 6.52 32.16 -27.88
C TYR B 327 5.23 32.98 -28.02
N ASN B 328 4.34 32.79 -27.06
CA ASN B 328 3.00 33.37 -27.16
C ASN B 328 2.43 33.60 -25.77
N ASP B 329 2.57 34.82 -25.26
CA ASP B 329 2.20 35.12 -23.89
C ASP B 329 0.68 35.08 -23.64
N ASP B 330 -0.12 35.26 -24.68
CA ASP B 330 -1.57 35.20 -24.49
C ASP B 330 -2.03 33.77 -24.24
N ILE B 331 -1.50 32.82 -25.00
CA ILE B 331 -1.82 31.41 -24.78
C ILE B 331 -1.31 30.98 -23.39
N VAL B 332 -0.07 31.31 -23.09
CA VAL B 332 0.52 30.96 -21.80
C VAL B 332 -0.26 31.58 -20.63
N ASP B 333 -0.66 32.84 -20.76
CA ASP B 333 -1.51 33.48 -19.75
C ASP B 333 -2.78 32.67 -19.47
N ALA B 334 -3.43 32.20 -20.53
CA ALA B 334 -4.70 31.51 -20.35
C ALA B 334 -4.50 30.23 -19.54
N TYR B 335 -3.39 29.54 -19.80
CA TYR B 335 -3.05 28.34 -19.04
C TYR B 335 -2.79 28.65 -17.56
N VAL B 336 -1.78 29.46 -17.30
CA VAL B 336 -1.34 29.68 -15.91
C VAL B 336 -2.37 30.43 -15.06
N ASN B 337 -3.22 31.23 -15.70
CA ASN B 337 -4.26 31.96 -14.98
C ASN B 337 -5.61 31.27 -15.06
N HIS B 338 -5.60 29.99 -15.40
CA HIS B 338 -6.85 29.27 -15.62
C HIS B 338 -7.80 29.34 -14.43
N ALA B 339 -7.25 29.34 -13.22
CA ALA B 339 -8.07 29.31 -12.00
C ALA B 339 -8.65 30.68 -11.67
#